data_1YJ5
#
_entry.id   1YJ5
#
_cell.length_a   95.473
_cell.length_b   169.872
_cell.length_c   77.016
_cell.angle_alpha   90.00
_cell.angle_beta   90.00
_cell.angle_gamma   90.00
#
_symmetry.space_group_name_H-M   'P 21 21 2'
#
loop_
_entity.id
_entity.type
_entity.pdbx_description
1 polymer "5' polynucleotide kinase-3' phosphatase catalytic domain"
2 polymer "5' polynucleotide kinase-3' phosphatase FHA domain"
3 non-polymer 'SULFATE ION'
4 water water
#
loop_
_entity_poly.entity_id
_entity_poly.type
_entity_poly.pdbx_seq_one_letter_code
_entity_poly.pdbx_strand_id
1 'polypeptide(L)'
;RKSSLGWESLKKLLVFTASGVKPQGKVAAFDLDGTLITTRSGKVFPTSPSDWRILYPEIPKKLQELAAEGYKLVIFTNQ
(MSE)GIGRGKLPAEVFKGKVEAVLEKLGVPFQVLVATHAGLNRKPVSG(MSE)WDHLQEQANEGIPISVEDSVFVGDAA
GRLANWAPGRKKKDFSCADRLFALNVGLPFATPEEFFLKWPAARFELPAFDPRTISSAGPLYLPESSSLLSPNPEVVVAV
GFPGAGKSTFIQEHLVSAGYVHVNRDTLGSWQRCVSSCQAALRQGKRVVIDNTNPDVPSRARYIQCAKDAGVPCRCFNFC
ATIEQARHNNRFRE(MSE)TDPSHAPVSD(MSE)V(MSE)FSYRKQFEPPTLAEGFLEILEIPFRLQEHLDPALQRLYRQ
FSEG
;
A,B
2 'polypeptide(L)'
;MSQLGSRGRLWLQSPTGGPPPIFLPSDGQALVLGRGPLTQVTDRKCSRNQVELIADPESRTVAVKQLGVNPSTVGVHELK
PGLSGSLSLGDVLYLVNGLYPLTLRWEELSTSGSQPDAPPDTPGDPEEGEDTEPQKKRVRKSS
;
C
#
loop_
_chem_comp.id
_chem_comp.type
_chem_comp.name
_chem_comp.formula
SO4 non-polymer 'SULFATE ION' 'O4 S -2'
#
# COMPACT_ATOMS: atom_id res chain seq x y z
N LEU A 5 -28.79 -28.06 20.78
CA LEU A 5 -27.84 -26.91 20.78
C LEU A 5 -27.25 -26.64 22.15
N GLY A 6 -26.02 -26.12 22.17
CA GLY A 6 -25.34 -25.66 23.37
C GLY A 6 -24.55 -24.42 23.00
N TRP A 7 -23.24 -24.58 22.80
CA TRP A 7 -22.40 -23.52 22.27
C TRP A 7 -22.21 -23.66 20.76
N GLU A 8 -21.99 -22.54 20.08
CA GLU A 8 -21.76 -22.53 18.63
C GLU A 8 -20.63 -21.57 18.27
N SER A 9 -19.67 -22.04 17.49
CA SER A 9 -18.61 -21.19 16.97
C SER A 9 -18.88 -20.89 15.51
N LEU A 10 -19.06 -19.60 15.20
CA LEU A 10 -19.47 -19.17 13.87
C LEU A 10 -18.55 -18.08 13.32
N LYS A 11 -18.92 -17.51 12.17
CA LYS A 11 -18.13 -16.46 11.53
C LYS A 11 -18.06 -15.20 12.41
N LYS A 12 -16.92 -15.02 13.06
CA LYS A 12 -16.69 -13.92 14.01
C LYS A 12 -17.79 -13.81 15.08
N LEU A 13 -18.30 -14.96 15.54
CA LEU A 13 -19.44 -14.98 16.46
C LEU A 13 -19.52 -16.26 17.30
N LEU A 14 -19.86 -16.08 18.58
CA LEU A 14 -20.18 -17.20 19.47
C LEU A 14 -21.63 -17.10 19.92
N VAL A 15 -22.33 -18.23 19.95
CA VAL A 15 -23.73 -18.28 20.36
C VAL A 15 -23.95 -19.38 21.38
N PHE A 16 -24.45 -19.03 22.56
CA PHE A 16 -24.88 -20.03 23.54
C PHE A 16 -26.40 -20.06 23.66
N THR A 17 -26.95 -21.27 23.64
CA THR A 17 -28.38 -21.46 23.81
C THR A 17 -28.61 -22.44 24.96
N ALA A 18 -29.21 -21.97 26.04
CA ALA A 18 -29.43 -22.77 27.24
C ALA A 18 -30.68 -23.64 27.14
N SER A 19 -30.84 -24.56 28.10
CA SER A 19 -32.05 -25.34 28.19
C SER A 19 -33.22 -24.45 28.57
N GLY A 20 -34.33 -24.60 27.85
CA GLY A 20 -35.55 -23.86 28.16
C GLY A 20 -35.76 -22.63 27.29
N VAL A 21 -34.84 -22.40 26.37
CA VAL A 21 -34.94 -21.27 25.45
C VAL A 21 -36.01 -21.54 24.40
N LYS A 22 -37.05 -20.72 24.42
CA LYS A 22 -38.13 -20.80 23.45
C LYS A 22 -38.14 -19.52 22.64
N PRO A 23 -38.29 -19.64 21.30
CA PRO A 23 -38.36 -18.46 20.43
C PRO A 23 -39.65 -17.66 20.68
N GLN A 24 -39.54 -16.33 20.64
CA GLN A 24 -40.70 -15.45 20.89
C GLN A 24 -40.77 -14.29 19.90
N GLY A 25 -41.90 -13.58 19.91
CA GLY A 25 -42.08 -12.37 19.12
C GLY A 25 -41.66 -11.11 19.86
N LYS A 26 -41.23 -11.28 21.12
CA LYS A 26 -40.69 -10.21 21.94
C LYS A 26 -39.32 -10.64 22.44
N VAL A 27 -38.41 -9.67 22.61
CA VAL A 27 -37.08 -9.95 23.16
C VAL A 27 -36.70 -8.94 24.24
N ALA A 28 -36.34 -9.44 25.41
CA ALA A 28 -35.68 -8.60 26.41
C ALA A 28 -34.18 -8.84 26.33
N ALA A 29 -33.47 -7.90 25.70
CA ALA A 29 -32.05 -8.05 25.42
C ALA A 29 -31.18 -7.23 26.37
N PHE A 30 -29.99 -7.76 26.67
CA PHE A 30 -29.13 -7.19 27.71
C PHE A 30 -27.66 -7.16 27.32
N ASP A 31 -26.95 -6.13 27.77
CA ASP A 31 -25.50 -6.13 27.75
C ASP A 31 -25.05 -6.97 28.96
N LEU A 32 -23.82 -7.48 28.91
CA LEU A 32 -23.31 -8.32 30.00
C LEU A 32 -22.59 -7.46 31.03
N ASP A 33 -21.36 -7.04 30.69
CA ASP A 33 -20.51 -6.26 31.58
C ASP A 33 -21.07 -4.86 31.83
N GLY A 34 -21.37 -4.58 33.09
CA GLY A 34 -21.90 -3.29 33.50
C GLY A 34 -23.42 -3.25 33.56
N THR A 35 -24.05 -4.37 33.23
CA THR A 35 -25.51 -4.41 33.09
C THR A 35 -26.15 -5.58 33.85
N LEU A 36 -25.66 -6.80 33.63
CA LEU A 36 -26.12 -7.96 34.38
C LEU A 36 -25.13 -8.35 35.46
N ILE A 37 -23.83 -8.25 35.14
CA ILE A 37 -22.77 -8.47 36.11
C ILE A 37 -21.86 -7.25 36.21
N THR A 38 -21.05 -7.22 37.25
CA THR A 38 -19.97 -6.25 37.38
C THR A 38 -18.81 -6.87 38.13
N THR A 39 -17.70 -6.14 38.20
CA THR A 39 -16.50 -6.59 38.87
C THR A 39 -16.65 -6.52 40.41
N ARG A 40 -16.20 -7.57 41.11
CA ARG A 40 -16.20 -7.61 42.57
C ARG A 40 -15.21 -6.62 43.18
N SER A 41 -14.05 -6.49 42.53
CA SER A 41 -12.97 -5.66 43.04
C SER A 41 -13.11 -4.15 42.74
N GLY A 42 -14.13 -3.79 41.97
CA GLY A 42 -14.39 -2.39 41.65
C GLY A 42 -13.65 -1.85 40.44
N LYS A 43 -12.69 -2.64 39.93
CA LYS A 43 -11.90 -2.26 38.77
C LYS A 43 -12.69 -2.41 37.47
N VAL A 44 -12.26 -1.73 36.41
CA VAL A 44 -12.96 -1.83 35.13
C VAL A 44 -12.67 -3.18 34.46
N PHE A 45 -11.40 -3.53 34.33
CA PHE A 45 -11.00 -4.82 33.80
C PHE A 45 -10.97 -5.85 34.92
N PRO A 46 -11.67 -6.99 34.73
CA PRO A 46 -11.70 -8.07 35.72
C PRO A 46 -10.31 -8.62 36.00
N THR A 47 -10.00 -8.87 37.26
CA THR A 47 -8.68 -9.32 37.67
C THR A 47 -8.50 -10.82 37.41
N SER A 48 -9.60 -11.55 37.30
CA SER A 48 -9.60 -13.00 37.15
C SER A 48 -10.90 -13.46 36.50
N PRO A 49 -11.01 -14.77 36.14
CA PRO A 49 -12.31 -15.25 35.64
C PRO A 49 -13.36 -15.44 36.73
N SER A 50 -13.01 -15.19 37.99
CA SER A 50 -14.00 -15.21 39.07
C SER A 50 -14.24 -13.83 39.69
N ASP A 51 -13.72 -12.80 39.03
CA ASP A 51 -13.94 -11.41 39.46
C ASP A 51 -15.25 -10.88 38.86
N TRP A 52 -16.37 -11.44 39.34
CA TRP A 52 -17.69 -11.01 38.90
C TRP A 52 -18.76 -11.26 39.97
N ARG A 53 -19.79 -10.44 39.94
CA ARG A 53 -20.97 -10.64 40.78
C ARG A 53 -22.17 -10.07 40.04
N ILE A 54 -23.36 -10.57 40.35
CA ILE A 54 -24.59 -10.03 39.80
C ILE A 54 -24.75 -8.59 40.29
N LEU A 55 -24.94 -7.68 39.33
CA LEU A 55 -24.90 -6.23 39.59
C LEU A 55 -25.83 -5.75 40.71
N TYR A 56 -27.13 -5.95 40.54
CA TYR A 56 -28.11 -5.54 41.55
C TYR A 56 -28.87 -6.76 42.06
N PRO A 57 -29.23 -6.77 43.36
CA PRO A 57 -30.07 -7.83 43.94
C PRO A 57 -31.44 -7.95 43.28
N GLU A 58 -31.88 -6.90 42.59
CA GLU A 58 -33.17 -6.85 41.95
C GLU A 58 -33.23 -7.60 40.61
N ILE A 59 -32.06 -7.92 40.06
CA ILE A 59 -31.96 -8.46 38.71
C ILE A 59 -32.62 -9.84 38.47
N PRO A 60 -32.26 -10.88 39.26
CA PRO A 60 -32.86 -12.19 39.00
C PRO A 60 -34.40 -12.22 39.06
N LYS A 61 -34.98 -11.49 40.00
CA LYS A 61 -36.43 -11.43 40.14
C LYS A 61 -37.09 -10.77 38.93
N LYS A 62 -36.45 -9.74 38.38
CA LYS A 62 -36.94 -9.05 37.19
C LYS A 62 -36.91 -9.94 35.95
N LEU A 63 -35.84 -10.73 35.83
CA LEU A 63 -35.67 -11.63 34.71
C LEU A 63 -36.68 -12.78 34.71
N GLN A 64 -37.07 -13.23 35.90
CA GLN A 64 -38.15 -14.22 36.03
C GLN A 64 -39.47 -13.62 35.56
N GLU A 65 -39.76 -12.41 36.02
CA GLU A 65 -40.98 -11.67 35.66
C GLU A 65 -41.07 -11.41 34.16
N LEU A 66 -39.92 -11.17 33.52
CA LEU A 66 -39.86 -10.96 32.08
C LEU A 66 -40.07 -12.27 31.32
N ALA A 67 -39.51 -13.35 31.83
CA ALA A 67 -39.62 -14.66 31.19
C ALA A 67 -41.05 -15.18 31.26
N ALA A 68 -41.69 -14.96 32.41
CA ALA A 68 -43.08 -15.38 32.62
C ALA A 68 -44.03 -14.50 31.80
N GLU A 69 -43.56 -13.31 31.44
CA GLU A 69 -44.33 -12.40 30.60
C GLU A 69 -44.27 -12.82 29.13
N GLY A 70 -43.27 -13.63 28.79
CA GLY A 70 -43.12 -14.14 27.44
C GLY A 70 -42.04 -13.46 26.62
N TYR A 71 -41.12 -12.76 27.28
CA TYR A 71 -39.96 -12.17 26.62
C TYR A 71 -38.87 -13.22 26.49
N LYS A 72 -38.26 -13.32 25.31
CA LYS A 72 -37.06 -14.12 25.15
C LYS A 72 -35.89 -13.34 25.72
N LEU A 73 -35.20 -13.94 26.69
CA LEU A 73 -34.07 -13.30 27.35
C LEU A 73 -32.79 -13.57 26.58
N VAL A 74 -32.14 -12.49 26.12
CA VAL A 74 -31.00 -12.59 25.22
C VAL A 74 -29.86 -11.67 25.69
N ILE A 75 -28.62 -12.14 25.61
CA ILE A 75 -27.46 -11.29 25.88
C ILE A 75 -26.73 -10.93 24.59
N PHE A 76 -26.40 -9.65 24.43
CA PHE A 76 -25.53 -9.18 23.36
C PHE A 76 -24.26 -8.58 23.95
N THR A 77 -23.16 -9.32 23.89
CA THR A 77 -21.90 -8.82 24.46
C THR A 77 -20.75 -8.72 23.46
N ASN A 78 -20.00 -7.63 23.55
CA ASN A 78 -18.76 -7.45 22.80
C ASN A 78 -17.57 -7.96 23.58
N GLN A 79 -16.81 -8.88 23.00
CA GLN A 79 -15.62 -9.43 23.64
C GLN A 79 -14.49 -9.51 22.62
N MSE A 80 -13.83 -8.38 22.39
CA MSE A 80 -12.75 -8.30 21.40
C MSE A 80 -11.52 -9.09 21.81
O MSE A 80 -10.72 -9.48 20.96
CB MSE A 80 -12.37 -6.83 21.15
CG MSE A 80 -13.47 -5.96 20.55
SE MSE A 80 -14.15 -6.57 18.82
CE MSE A 80 -15.78 -7.51 19.42
N GLY A 81 -11.38 -9.34 23.10
CA GLY A 81 -10.24 -10.08 23.65
C GLY A 81 -10.18 -11.53 23.21
N ILE A 82 -11.31 -12.08 22.77
CA ILE A 82 -11.35 -13.45 22.27
C ILE A 82 -10.63 -13.54 20.92
N GLY A 83 -11.02 -12.67 19.99
CA GLY A 83 -10.43 -12.67 18.65
C GLY A 83 -8.97 -12.27 18.61
N ARG A 84 -8.57 -11.42 19.55
CA ARG A 84 -7.20 -10.94 19.64
C ARG A 84 -6.25 -11.95 20.31
N GLY A 85 -6.83 -12.93 21.00
CA GLY A 85 -6.03 -13.96 21.66
C GLY A 85 -5.77 -13.72 23.14
N LYS A 86 -6.22 -12.56 23.63
CA LYS A 86 -6.05 -12.17 25.04
C LYS A 86 -6.88 -13.08 25.94
N LEU A 87 -8.19 -13.05 25.75
CA LEU A 87 -9.12 -13.85 26.55
C LEU A 87 -9.43 -15.16 25.84
N PRO A 88 -9.04 -16.30 26.46
CA PRO A 88 -9.32 -17.61 25.86
C PRO A 88 -10.83 -17.85 25.80
N ALA A 89 -11.28 -18.44 24.69
CA ALA A 89 -12.69 -18.68 24.45
C ALA A 89 -13.35 -19.55 25.51
N GLU A 90 -12.64 -20.60 25.93
CA GLU A 90 -13.15 -21.56 26.91
C GLU A 90 -13.29 -20.96 28.31
N VAL A 91 -12.40 -20.03 28.64
CA VAL A 91 -12.44 -19.32 29.92
C VAL A 91 -13.70 -18.45 30.00
N PHE A 92 -14.04 -17.79 28.89
CA PHE A 92 -15.23 -16.95 28.84
C PHE A 92 -16.52 -17.76 28.89
N LYS A 93 -16.54 -18.89 28.18
CA LYS A 93 -17.69 -19.80 28.19
C LYS A 93 -17.99 -20.32 29.59
N GLY A 94 -16.94 -20.60 30.34
CA GLY A 94 -17.05 -21.05 31.72
C GLY A 94 -17.60 -19.96 32.62
N LYS A 95 -17.17 -18.73 32.38
CA LYS A 95 -17.66 -17.57 33.11
C LYS A 95 -19.15 -17.35 32.83
N VAL A 96 -19.50 -17.38 31.54
CA VAL A 96 -20.87 -17.19 31.09
C VAL A 96 -21.83 -18.20 31.72
N GLU A 97 -21.46 -19.47 31.69
CA GLU A 97 -22.29 -20.55 32.25
C GLU A 97 -22.52 -20.41 33.76
N ALA A 98 -21.51 -19.94 34.47
CA ALA A 98 -21.62 -19.70 35.91
C ALA A 98 -22.54 -18.53 36.22
N VAL A 99 -22.52 -17.52 35.35
CA VAL A 99 -23.36 -16.33 35.49
C VAL A 99 -24.84 -16.69 35.30
N LEU A 100 -25.13 -17.43 34.23
CA LEU A 100 -26.51 -17.81 33.92
C LEU A 100 -27.09 -18.74 34.95
N GLU A 101 -26.24 -19.55 35.56
CA GLU A 101 -26.61 -20.44 36.66
C GLU A 101 -27.00 -19.61 37.88
N LYS A 102 -26.27 -18.53 38.10
CA LYS A 102 -26.53 -17.62 39.21
C LYS A 102 -27.78 -16.76 38.95
N LEU A 103 -28.06 -16.49 37.68
CA LEU A 103 -29.28 -15.75 37.31
C LEU A 103 -30.53 -16.62 37.43
N GLY A 104 -30.35 -17.93 37.21
CA GLY A 104 -31.41 -18.92 37.41
C GLY A 104 -32.56 -18.84 36.43
N VAL A 105 -32.24 -18.53 35.18
CA VAL A 105 -33.26 -18.33 34.15
C VAL A 105 -32.65 -18.55 32.76
N PRO A 106 -33.36 -19.28 31.87
CA PRO A 106 -32.86 -19.58 30.53
C PRO A 106 -32.49 -18.37 29.68
N PHE A 107 -31.27 -18.37 29.13
CA PHE A 107 -30.75 -17.27 28.33
C PHE A 107 -30.20 -17.74 27.01
N GLN A 108 -30.18 -16.84 26.03
CA GLN A 108 -29.42 -17.04 24.80
C GLN A 108 -28.36 -15.95 24.70
N VAL A 109 -27.10 -16.34 24.56
CA VAL A 109 -26.00 -15.39 24.59
C VAL A 109 -25.36 -15.27 23.21
N LEU A 110 -25.24 -14.05 22.70
CA LEU A 110 -24.52 -13.78 21.47
C LEU A 110 -23.26 -12.97 21.75
N VAL A 111 -22.11 -13.53 21.41
CA VAL A 111 -20.82 -12.91 21.71
C VAL A 111 -20.07 -12.48 20.45
N ALA A 112 -19.88 -11.17 20.30
CA ALA A 112 -19.06 -10.63 19.23
C ALA A 112 -17.59 -10.82 19.57
N THR A 113 -16.86 -11.50 18.71
CA THR A 113 -15.47 -11.84 18.98
C THR A 113 -14.48 -11.05 18.15
N HIS A 114 -14.93 -10.54 17.00
CA HIS A 114 -14.07 -9.76 16.11
C HIS A 114 -14.71 -8.43 15.76
N ALA A 115 -13.90 -7.51 15.24
CA ALA A 115 -14.38 -6.22 14.76
C ALA A 115 -15.23 -6.40 13.50
N GLY A 116 -16.00 -5.37 13.16
CA GLY A 116 -16.82 -5.42 11.95
C GLY A 116 -18.31 -5.37 12.24
N LEU A 117 -19.08 -6.17 11.49
CA LEU A 117 -20.55 -6.15 11.51
C LEU A 117 -21.21 -6.59 12.83
N ASN A 118 -20.60 -7.55 13.50
CA ASN A 118 -21.17 -8.09 14.75
C ASN A 118 -20.96 -7.20 15.96
N ARG A 119 -19.91 -6.38 15.92
CA ARG A 119 -19.53 -5.51 17.02
C ARG A 119 -20.53 -4.37 17.23
N LYS A 120 -20.98 -4.21 18.47
CA LYS A 120 -21.84 -3.09 18.85
C LYS A 120 -21.08 -1.77 18.67
N PRO A 121 -21.74 -0.73 18.17
CA PRO A 121 -23.19 -0.59 17.94
C PRO A 121 -23.73 -1.09 16.59
N VAL A 122 -22.89 -1.72 15.77
CA VAL A 122 -23.39 -2.27 14.50
C VAL A 122 -24.24 -3.51 14.81
N SER A 123 -25.40 -3.60 14.17
CA SER A 123 -26.47 -4.50 14.59
C SER A 123 -26.44 -5.91 14.00
N GLY A 124 -25.26 -6.38 13.62
CA GLY A 124 -25.12 -7.72 13.02
C GLY A 124 -25.60 -8.86 13.90
N MSE A 125 -25.44 -8.69 15.21
CA MSE A 125 -25.88 -9.70 16.18
C MSE A 125 -27.40 -9.81 16.26
O MSE A 125 -27.93 -10.89 16.49
CB MSE A 125 -25.28 -9.42 17.55
CG MSE A 125 -23.83 -9.81 17.69
SE MSE A 125 -23.24 -9.86 19.55
CE MSE A 125 -23.35 -7.94 19.98
N TRP A 126 -28.09 -8.69 16.07
CA TRP A 126 -29.54 -8.70 16.00
C TRP A 126 -30.02 -9.36 14.70
N ASP A 127 -29.29 -9.12 13.61
CA ASP A 127 -29.56 -9.77 12.33
C ASP A 127 -29.50 -11.28 12.50
N HIS A 128 -28.44 -11.75 13.17
CA HIS A 128 -28.27 -13.18 13.41
C HIS A 128 -29.37 -13.74 14.30
N LEU A 129 -29.78 -12.95 15.29
CA LEU A 129 -30.87 -13.36 16.18
C LEU A 129 -32.15 -13.60 15.39
N GLN A 130 -32.52 -12.64 14.56
CA GLN A 130 -33.73 -12.74 13.75
C GLN A 130 -33.64 -13.82 12.66
N GLU A 131 -32.55 -13.81 11.90
CA GLU A 131 -32.42 -14.68 10.74
C GLU A 131 -32.02 -16.12 11.06
N GLN A 132 -31.29 -16.32 12.15
CA GLN A 132 -30.78 -17.66 12.47
C GLN A 132 -31.19 -18.19 13.84
N ALA A 133 -31.05 -17.35 14.86
CA ALA A 133 -31.16 -17.81 16.26
C ALA A 133 -32.57 -17.74 16.85
N ASN A 134 -33.55 -17.36 16.04
CA ASN A 134 -34.95 -17.48 16.40
C ASN A 134 -35.54 -18.41 15.37
N GLU A 135 -36.34 -19.38 15.80
CA GLU A 135 -36.79 -20.45 14.90
C GLU A 135 -37.78 -19.97 13.82
N GLY A 136 -37.36 -18.95 13.06
CA GLY A 136 -38.19 -18.36 12.02
C GLY A 136 -39.25 -17.42 12.53
N ILE A 137 -39.37 -17.30 13.85
CA ILE A 137 -40.39 -16.46 14.47
C ILE A 137 -39.97 -15.00 14.45
N PRO A 138 -40.79 -14.14 13.81
CA PRO A 138 -40.52 -12.72 13.66
C PRO A 138 -40.59 -11.98 15.00
N ILE A 139 -39.64 -11.08 15.22
CA ILE A 139 -39.58 -10.31 16.47
C ILE A 139 -40.13 -8.91 16.30
N SER A 140 -41.17 -8.59 17.06
CA SER A 140 -41.69 -7.23 17.12
C SER A 140 -40.72 -6.32 17.88
N VAL A 141 -39.98 -5.52 17.11
CA VAL A 141 -38.95 -4.63 17.65
C VAL A 141 -39.52 -3.59 18.62
N GLU A 142 -40.70 -3.06 18.31
CA GLU A 142 -41.40 -2.09 19.16
C GLU A 142 -41.83 -2.67 20.51
N ASP A 143 -42.03 -3.98 20.57
CA ASP A 143 -42.47 -4.64 21.80
C ASP A 143 -41.31 -5.29 22.57
N SER A 144 -40.09 -4.83 22.28
CA SER A 144 -38.89 -5.40 22.88
C SER A 144 -38.11 -4.35 23.65
N VAL A 145 -36.97 -4.75 24.22
CA VAL A 145 -36.06 -3.82 24.91
C VAL A 145 -34.60 -4.23 24.83
N PHE A 146 -33.72 -3.24 24.82
CA PHE A 146 -32.31 -3.46 25.05
C PHE A 146 -31.84 -2.63 26.25
N VAL A 147 -31.12 -3.27 27.16
CA VAL A 147 -30.61 -2.62 28.36
C VAL A 147 -29.10 -2.72 28.39
N GLY A 148 -28.43 -1.58 28.59
CA GLY A 148 -26.96 -1.55 28.59
C GLY A 148 -26.36 -0.32 29.24
N ASP A 149 -25.16 -0.47 29.79
CA ASP A 149 -24.49 0.60 30.53
C ASP A 149 -23.87 1.70 29.66
N ALA A 150 -23.38 1.34 28.48
CA ALA A 150 -22.79 2.31 27.55
C ALA A 150 -23.88 3.13 26.88
N ALA A 151 -24.36 4.14 27.61
CA ALA A 151 -25.55 4.88 27.18
C ALA A 151 -25.28 6.34 26.85
N GLY A 152 -24.00 6.73 26.85
CA GLY A 152 -23.58 8.08 26.47
C GLY A 152 -24.10 9.17 27.38
N ARG A 153 -24.21 8.89 28.68
CA ARG A 153 -24.70 9.85 29.64
C ARG A 153 -23.71 10.97 29.88
N LEU A 154 -24.25 12.16 30.11
CA LEU A 154 -23.46 13.35 30.41
C LEU A 154 -22.85 13.27 31.82
N ALA A 155 -21.83 14.08 32.06
CA ALA A 155 -21.23 14.19 33.39
C ALA A 155 -22.27 14.63 34.40
N ASN A 156 -22.18 14.09 35.61
CA ASN A 156 -23.08 14.41 36.72
C ASN A 156 -24.53 14.02 36.47
N TRP A 157 -24.73 12.88 35.81
CA TRP A 157 -26.08 12.40 35.48
C TRP A 157 -26.80 11.84 36.69
N ALA A 158 -26.03 11.46 37.71
CA ALA A 158 -26.56 11.06 39.01
C ALA A 158 -25.57 11.50 40.08
N PRO A 159 -26.03 11.64 41.33
CA PRO A 159 -25.07 11.83 42.41
C PRO A 159 -24.10 10.66 42.49
N GLY A 160 -22.81 10.96 42.62
CA GLY A 160 -21.78 9.92 42.65
C GLY A 160 -21.12 9.70 41.29
N ARG A 161 -21.90 9.84 40.23
CA ARG A 161 -21.37 9.63 38.89
C ARG A 161 -20.91 10.94 38.26
N LYS A 162 -19.74 11.41 38.68
CA LYS A 162 -19.19 12.70 38.23
C LYS A 162 -18.72 12.66 36.78
N LYS A 163 -18.24 11.51 36.32
CA LYS A 163 -17.68 11.38 34.99
C LYS A 163 -18.72 10.88 33.98
N LYS A 164 -18.57 11.28 32.72
CA LYS A 164 -19.45 10.83 31.64
C LYS A 164 -19.18 9.37 31.29
N ASP A 165 -20.10 8.74 30.57
CA ASP A 165 -19.93 7.39 30.07
C ASP A 165 -18.78 7.32 29.08
N PHE A 166 -18.02 6.23 29.14
CA PHE A 166 -16.95 5.99 28.16
C PHE A 166 -17.52 5.83 26.75
N SER A 167 -18.59 5.05 26.63
CA SER A 167 -19.14 4.70 25.33
C SER A 167 -20.65 5.01 25.21
N CYS A 168 -21.15 5.08 23.98
CA CYS A 168 -22.58 5.23 23.73
C CYS A 168 -23.10 4.03 22.92
N ALA A 169 -22.29 2.99 22.84
CA ALA A 169 -22.55 1.82 21.97
C ALA A 169 -23.91 1.15 22.18
N ASP A 170 -24.29 0.92 23.43
CA ASP A 170 -25.54 0.23 23.75
C ASP A 170 -26.78 0.99 23.26
N ARG A 171 -26.80 2.30 23.50
CA ARG A 171 -27.90 3.15 23.08
C ARG A 171 -27.97 3.29 21.56
N LEU A 172 -26.81 3.35 20.91
CA LEU A 172 -26.75 3.46 19.46
C LEU A 172 -27.10 2.14 18.77
N PHE A 173 -26.75 1.02 19.40
CA PHE A 173 -27.16 -0.30 18.94
C PHE A 173 -28.69 -0.39 18.89
N ALA A 174 -29.34 0.09 19.95
CA ALA A 174 -30.78 0.15 20.03
C ALA A 174 -31.36 1.09 18.95
N LEU A 175 -30.66 2.19 18.69
CA LEU A 175 -31.09 3.12 17.65
C LEU A 175 -30.89 2.56 16.24
N ASN A 176 -29.94 1.64 16.08
CA ASN A 176 -29.71 1.02 14.79
C ASN A 176 -30.75 -0.05 14.47
N VAL A 177 -31.23 -0.74 15.50
CA VAL A 177 -32.28 -1.73 15.34
C VAL A 177 -33.67 -1.06 15.36
N GLY A 178 -33.84 -0.05 16.22
CA GLY A 178 -35.13 0.58 16.45
C GLY A 178 -35.71 0.18 17.80
N LEU A 179 -34.86 -0.41 18.64
CA LEU A 179 -35.26 -0.91 19.95
C LEU A 179 -35.46 0.21 20.97
N PRO A 180 -36.52 0.10 21.78
CA PRO A 180 -36.62 0.91 22.98
C PRO A 180 -35.45 0.59 23.91
N PHE A 181 -34.92 1.61 24.57
CA PHE A 181 -33.67 1.47 25.33
C PHE A 181 -33.82 1.91 26.79
N ALA A 182 -33.09 1.22 27.67
CA ALA A 182 -33.05 1.57 29.09
C ALA A 182 -31.65 1.35 29.65
N THR A 183 -31.25 2.15 30.63
CA THR A 183 -29.99 1.90 31.32
C THR A 183 -30.24 0.88 32.43
N PRO A 184 -29.17 0.21 32.93
CA PRO A 184 -29.34 -0.76 34.01
C PRO A 184 -30.09 -0.23 35.24
N GLU A 185 -29.78 1.01 35.64
CA GLU A 185 -30.44 1.59 36.80
C GLU A 185 -31.85 2.10 36.51
N GLU A 186 -32.11 2.45 35.25
CA GLU A 186 -33.45 2.82 34.82
C GLU A 186 -34.37 1.60 34.82
N PHE A 187 -33.90 0.53 34.19
CA PHE A 187 -34.67 -0.69 34.01
C PHE A 187 -34.88 -1.49 35.31
N PHE A 188 -33.80 -1.71 36.06
CA PHE A 188 -33.85 -2.54 37.27
C PHE A 188 -34.23 -1.79 38.55
N LEU A 189 -33.67 -0.59 38.73
CA LEU A 189 -33.85 0.16 39.97
C LEU A 189 -34.92 1.26 39.87
N LYS A 190 -35.53 1.39 38.69
CA LYS A 190 -36.58 2.39 38.41
C LYS A 190 -36.15 3.85 38.63
N TRP A 191 -34.90 4.14 38.29
CA TRP A 191 -34.35 5.49 38.32
C TRP A 191 -34.95 6.32 37.18
N PRO A 192 -35.00 7.66 37.33
CA PRO A 192 -35.52 8.47 36.24
C PRO A 192 -34.54 8.49 35.08
N ALA A 193 -35.03 8.84 33.89
CA ALA A 193 -34.18 8.87 32.69
C ALA A 193 -33.00 9.80 32.85
N ALA A 194 -31.81 9.24 32.67
CA ALA A 194 -30.56 9.99 32.77
C ALA A 194 -30.35 10.79 31.50
N ARG A 195 -29.74 11.95 31.65
CA ARG A 195 -29.41 12.82 30.52
C ARG A 195 -28.29 12.22 29.68
N PHE A 196 -28.41 12.33 28.36
CA PHE A 196 -27.43 11.77 27.44
C PHE A 196 -27.23 12.64 26.22
N GLU A 197 -26.21 12.30 25.42
CA GLU A 197 -25.96 12.94 24.14
C GLU A 197 -25.71 11.90 23.06
N LEU A 198 -26.09 12.21 21.83
CA LEU A 198 -25.82 11.36 20.68
C LEU A 198 -24.73 12.01 19.85
N PRO A 199 -24.03 11.21 19.02
CA PRO A 199 -23.12 11.77 18.01
C PRO A 199 -23.75 12.93 17.23
N ALA A 200 -22.94 13.95 16.94
CA ALA A 200 -23.39 15.14 16.20
C ALA A 200 -23.84 14.80 14.77
N PHE A 201 -23.33 13.68 14.26
CA PHE A 201 -23.72 13.20 12.94
C PHE A 201 -24.54 11.92 13.09
N ASP A 202 -25.77 11.95 12.57
CA ASP A 202 -26.64 10.78 12.53
C ASP A 202 -26.65 10.20 11.12
N PRO A 203 -25.98 9.05 10.92
CA PRO A 203 -25.88 8.47 9.58
C PRO A 203 -27.16 7.76 9.13
N ARG A 204 -28.06 7.48 10.07
CA ARG A 204 -29.30 6.75 9.78
C ARG A 204 -30.21 7.46 8.80
N THR A 205 -30.10 8.79 8.74
CA THR A 205 -30.99 9.59 7.90
C THR A 205 -30.28 10.24 6.70
N ILE A 206 -29.00 9.92 6.51
CA ILE A 206 -28.25 10.49 5.39
C ILE A 206 -28.74 9.96 4.04
N SER A 207 -28.91 10.87 3.08
CA SER A 207 -29.41 10.50 1.77
C SER A 207 -28.48 11.01 0.68
N SER A 208 -28.76 10.58 -0.55
CA SER A 208 -28.00 10.99 -1.72
C SER A 208 -28.72 12.13 -2.45
N ALA A 209 -29.76 12.65 -1.82
CA ALA A 209 -30.53 13.76 -2.39
C ALA A 209 -29.78 15.08 -2.21
N GLY A 210 -30.20 16.11 -2.94
CA GLY A 210 -29.58 17.42 -2.85
C GLY A 210 -28.56 17.64 -3.95
N PRO A 211 -28.03 18.88 -4.06
CA PRO A 211 -27.10 19.25 -5.12
C PRO A 211 -25.73 18.59 -4.96
N LEU A 212 -25.15 18.21 -6.10
CA LEU A 212 -23.82 17.61 -6.16
C LEU A 212 -22.76 18.60 -5.68
N TYR A 213 -22.98 19.88 -6.01
CA TYR A 213 -22.11 20.97 -5.58
C TYR A 213 -22.89 22.28 -5.50
N LEU A 214 -22.27 23.29 -4.89
CA LEU A 214 -22.85 24.62 -4.78
C LEU A 214 -21.82 25.69 -5.16
N PRO A 215 -22.23 26.76 -5.86
CA PRO A 215 -23.58 27.09 -6.34
C PRO A 215 -23.97 26.28 -7.58
N GLU A 216 -25.27 25.99 -7.72
CA GLU A 216 -25.76 25.17 -8.81
C GLU A 216 -25.57 25.81 -10.18
N SER A 217 -25.48 27.13 -10.20
CA SER A 217 -25.27 27.89 -11.44
C SER A 217 -23.86 27.73 -12.02
N SER A 218 -22.89 27.40 -11.15
CA SER A 218 -21.52 27.16 -11.58
C SER A 218 -21.40 25.94 -12.48
N SER A 219 -20.32 25.91 -13.26
CA SER A 219 -20.02 24.78 -14.13
C SER A 219 -19.07 23.83 -13.39
N LEU A 220 -19.42 22.54 -13.39
CA LEU A 220 -18.64 21.52 -12.66
C LEU A 220 -17.21 21.38 -13.19
N LEU A 221 -17.09 21.18 -14.50
CA LEU A 221 -15.80 21.08 -15.16
C LEU A 221 -15.63 22.20 -16.16
N SER A 222 -14.40 22.40 -16.60
CA SER A 222 -14.10 23.41 -17.61
C SER A 222 -13.71 22.74 -18.93
N PRO A 223 -14.18 23.27 -20.07
CA PRO A 223 -13.76 22.75 -21.38
C PRO A 223 -12.31 23.14 -21.72
N ASN A 224 -11.74 24.01 -20.89
CA ASN A 224 -10.39 24.54 -21.09
C ASN A 224 -9.48 24.12 -19.93
N PRO A 225 -8.15 24.06 -20.18
CA PRO A 225 -7.14 23.81 -19.15
C PRO A 225 -7.29 24.66 -17.90
N GLU A 226 -7.10 24.02 -16.74
CA GLU A 226 -7.18 24.68 -15.43
C GLU A 226 -6.55 23.81 -14.35
N VAL A 227 -6.51 24.33 -13.13
CA VAL A 227 -6.08 23.57 -11.96
C VAL A 227 -7.19 23.54 -10.92
N VAL A 228 -7.61 22.35 -10.52
CA VAL A 228 -8.56 22.21 -9.41
C VAL A 228 -7.83 21.77 -8.15
N VAL A 229 -7.97 22.56 -7.08
CA VAL A 229 -7.39 22.22 -5.81
C VAL A 229 -8.48 21.68 -4.89
N ALA A 230 -8.31 20.46 -4.41
CA ALA A 230 -9.29 19.83 -3.52
C ALA A 230 -8.92 20.05 -2.06
N VAL A 231 -9.91 20.41 -1.25
CA VAL A 231 -9.71 20.64 0.18
C VAL A 231 -10.69 19.80 0.97
N GLY A 232 -10.18 18.98 1.88
CA GLY A 232 -11.04 18.15 2.74
C GLY A 232 -10.30 17.24 3.69
N PHE A 233 -10.99 16.78 4.73
CA PHE A 233 -10.46 15.79 5.66
C PHE A 233 -10.02 14.52 4.93
N PRO A 234 -9.06 13.77 5.49
CA PRO A 234 -8.83 12.45 4.94
C PRO A 234 -10.04 11.56 5.25
N GLY A 235 -10.64 10.99 4.21
CA GLY A 235 -11.87 10.23 4.36
C GLY A 235 -13.11 11.05 4.08
N ALA A 236 -12.92 12.23 3.48
CA ALA A 236 -14.03 13.09 3.09
C ALA A 236 -14.74 12.56 1.83
N GLY A 237 -14.13 11.56 1.19
CA GLY A 237 -14.67 10.99 -0.05
C GLY A 237 -14.17 11.71 -1.29
N LYS A 238 -13.06 12.44 -1.15
CA LYS A 238 -12.47 13.19 -2.26
C LYS A 238 -12.09 12.30 -3.43
N SER A 239 -11.17 11.37 -3.20
CA SER A 239 -10.63 10.52 -4.28
C SER A 239 -11.71 9.86 -5.13
N THR A 240 -12.75 9.33 -4.48
CA THR A 240 -13.86 8.69 -5.18
C THR A 240 -14.61 9.71 -6.05
N PHE A 241 -14.87 10.88 -5.48
CA PHE A 241 -15.52 11.97 -6.21
C PHE A 241 -14.64 12.45 -7.36
N ILE A 242 -13.34 12.57 -7.10
CA ILE A 242 -12.37 13.05 -8.08
C ILE A 242 -12.25 12.10 -9.28
N GLN A 243 -12.12 10.80 -8.99
CA GLN A 243 -12.02 9.76 -10.01
C GLN A 243 -13.25 9.70 -10.93
N GLU A 244 -14.44 9.81 -10.32
CA GLU A 244 -15.69 9.68 -11.04
C GLU A 244 -16.00 10.91 -11.90
N HIS A 245 -15.89 12.09 -11.31
CA HIS A 245 -16.34 13.32 -11.97
C HIS A 245 -15.25 14.04 -12.76
N LEU A 246 -13.99 13.89 -12.36
CA LEU A 246 -12.90 14.62 -13.02
C LEU A 246 -11.94 13.75 -13.82
N VAL A 247 -11.32 12.77 -13.18
CA VAL A 247 -10.26 11.98 -13.82
C VAL A 247 -10.77 11.16 -15.02
N SER A 248 -11.92 10.51 -14.86
CA SER A 248 -12.50 9.73 -15.96
C SER A 248 -13.12 10.64 -17.00
N ALA A 249 -13.21 11.93 -16.69
CA ALA A 249 -13.70 12.93 -17.63
C ALA A 249 -12.55 13.68 -18.30
N GLY A 250 -11.31 13.24 -18.04
CA GLY A 250 -10.15 13.75 -18.75
C GLY A 250 -9.12 14.52 -17.95
N TYR A 251 -9.38 14.73 -16.67
CA TYR A 251 -8.45 15.46 -15.80
C TYR A 251 -7.24 14.60 -15.40
N VAL A 252 -6.08 15.24 -15.34
CA VAL A 252 -4.86 14.60 -14.86
C VAL A 252 -4.90 14.54 -13.34
N HIS A 253 -4.71 13.34 -12.80
CA HIS A 253 -4.80 13.11 -11.37
C HIS A 253 -3.47 13.36 -10.69
N VAL A 254 -3.44 14.30 -9.76
CA VAL A 254 -2.24 14.55 -8.96
C VAL A 254 -2.53 14.21 -7.50
N ASN A 255 -1.90 13.14 -7.02
CA ASN A 255 -2.17 12.60 -5.70
C ASN A 255 -0.88 12.43 -4.91
N ARG A 256 -0.84 12.99 -3.71
CA ARG A 256 0.36 12.97 -2.90
C ARG A 256 0.67 11.61 -2.28
N ASP A 257 -0.38 10.83 -2.01
CA ASP A 257 -0.21 9.51 -1.40
C ASP A 257 0.37 8.50 -2.38
N THR A 258 0.34 8.85 -3.66
CA THR A 258 0.92 8.03 -4.71
C THR A 258 2.27 8.60 -5.16
N LEU A 259 2.42 9.92 -5.04
CA LEU A 259 3.62 10.61 -5.53
C LEU A 259 4.73 10.77 -4.50
N GLY A 260 4.36 10.86 -3.22
CA GLY A 260 5.35 10.83 -2.13
C GLY A 260 5.80 12.14 -1.51
N SER A 261 5.55 13.25 -2.20
CA SER A 261 5.96 14.57 -1.71
C SER A 261 5.17 15.66 -2.42
N TRP A 262 5.14 16.86 -1.83
CA TRP A 262 4.46 17.99 -2.46
C TRP A 262 5.25 18.53 -3.64
N GLN A 263 6.58 18.43 -3.57
CA GLN A 263 7.42 18.89 -4.68
C GLN A 263 7.12 18.12 -5.95
N ARG A 264 6.87 16.82 -5.80
CA ARG A 264 6.48 15.95 -6.91
C ARG A 264 5.07 16.28 -7.40
N CYS A 265 4.20 16.74 -6.51
CA CYS A 265 2.87 17.19 -6.89
C CYS A 265 2.94 18.46 -7.76
N VAL A 266 3.77 19.41 -7.32
CA VAL A 266 3.99 20.65 -8.06
C VAL A 266 4.60 20.33 -9.43
N SER A 267 5.60 19.46 -9.43
CA SER A 267 6.25 18.99 -10.64
C SER A 267 5.26 18.40 -11.64
N SER A 268 4.40 17.48 -11.18
CA SER A 268 3.37 16.86 -12.02
C SER A 268 2.36 17.87 -12.54
N CYS A 269 2.03 18.84 -11.70
CA CYS A 269 1.08 19.89 -12.05
C CYS A 269 1.60 20.75 -13.21
N GLN A 270 2.86 21.18 -13.10
CA GLN A 270 3.50 21.97 -14.14
C GLN A 270 3.63 21.18 -15.44
N ALA A 271 4.03 19.92 -15.32
CA ALA A 271 4.24 19.03 -16.47
C ALA A 271 2.97 18.83 -17.26
N ALA A 272 1.87 18.57 -16.54
CA ALA A 272 0.57 18.34 -17.15
C ALA A 272 -0.01 19.58 -17.80
N LEU A 273 0.33 20.76 -17.26
CA LEU A 273 -0.14 22.02 -17.84
C LEU A 273 0.58 22.34 -19.15
N ARG A 274 1.85 21.97 -19.23
CA ARG A 274 2.62 22.13 -20.48
C ARG A 274 2.06 21.26 -21.61
N GLN A 275 1.38 20.18 -21.25
CA GLN A 275 0.72 19.30 -22.21
C GLN A 275 -0.72 19.77 -22.50
N GLY A 276 -1.09 20.94 -21.98
CA GLY A 276 -2.42 21.51 -22.18
C GLY A 276 -3.55 20.69 -21.58
N LYS A 277 -3.25 19.99 -20.49
CA LYS A 277 -4.25 19.16 -19.82
C LYS A 277 -4.76 19.81 -18.53
N ARG A 278 -5.95 19.42 -18.12
CA ARG A 278 -6.57 19.91 -16.89
C ARG A 278 -6.13 19.01 -15.74
N VAL A 279 -5.84 19.61 -14.57
CA VAL A 279 -5.33 18.82 -13.44
C VAL A 279 -6.20 18.95 -12.18
N VAL A 280 -6.21 17.87 -11.39
CA VAL A 280 -6.81 17.91 -10.05
C VAL A 280 -5.72 17.62 -9.03
N ILE A 281 -5.60 18.50 -8.04
CA ILE A 281 -4.73 18.22 -6.92
C ILE A 281 -5.56 17.53 -5.84
N ASP A 282 -5.38 16.21 -5.74
CA ASP A 282 -6.14 15.36 -4.82
C ASP A 282 -5.38 15.22 -3.49
N ASN A 283 -5.26 16.31 -2.76
CA ASN A 283 -4.64 16.31 -1.44
C ASN A 283 -5.62 16.81 -0.39
N THR A 284 -5.19 16.78 0.87
CA THR A 284 -5.97 17.32 1.96
C THR A 284 -6.01 18.85 1.86
N ASN A 285 -4.87 19.43 1.52
CA ASN A 285 -4.69 20.89 1.34
C ASN A 285 -5.34 21.76 2.41
N PRO A 286 -4.89 21.61 3.69
CA PRO A 286 -5.59 22.26 4.80
C PRO A 286 -5.31 23.77 4.92
N ASP A 287 -4.12 24.19 4.52
CA ASP A 287 -3.64 25.54 4.78
C ASP A 287 -3.32 26.34 3.52
N VAL A 288 -3.30 27.66 3.68
CA VAL A 288 -2.96 28.61 2.61
C VAL A 288 -1.60 28.31 1.92
N PRO A 289 -0.51 28.10 2.69
CA PRO A 289 0.77 27.73 2.07
C PRO A 289 0.71 26.52 1.12
N SER A 290 -0.06 25.50 1.47
CA SER A 290 -0.22 24.31 0.63
C SER A 290 -0.89 24.63 -0.70
N ARG A 291 -2.01 25.36 -0.65
CA ARG A 291 -2.77 25.71 -1.84
C ARG A 291 -2.06 26.75 -2.70
N ALA A 292 -1.29 27.62 -2.05
CA ALA A 292 -0.56 28.69 -2.75
C ALA A 292 0.32 28.14 -3.86
N ARG A 293 0.92 26.97 -3.61
CA ARG A 293 1.77 26.30 -4.57
C ARG A 293 1.05 26.01 -5.88
N TYR A 294 -0.15 25.44 -5.78
CA TYR A 294 -0.92 25.04 -6.95
C TYR A 294 -1.62 26.23 -7.61
N ILE A 295 -1.94 27.24 -6.80
CA ILE A 295 -2.44 28.50 -7.33
C ILE A 295 -1.34 29.16 -8.18
N GLN A 296 -0.11 29.09 -7.69
CA GLN A 296 1.05 29.67 -8.39
C GLN A 296 1.30 29.01 -9.75
N CYS A 297 1.14 27.68 -9.81
CA CYS A 297 1.33 26.92 -11.04
C CYS A 297 0.33 27.35 -12.11
N ALA A 298 -0.90 27.63 -11.67
CA ALA A 298 -1.95 28.11 -12.56
C ALA A 298 -1.62 29.49 -13.12
N LYS A 299 -1.07 30.36 -12.28
CA LYS A 299 -0.60 31.66 -12.71
C LYS A 299 0.51 31.55 -13.76
N ASP A 300 1.53 30.74 -13.46
CA ASP A 300 2.68 30.56 -14.36
C ASP A 300 2.25 30.09 -15.74
N ALA A 301 1.26 29.20 -15.79
CA ALA A 301 0.76 28.65 -17.04
C ALA A 301 -0.32 29.52 -17.68
N GLY A 302 -0.85 30.47 -16.92
CA GLY A 302 -1.90 31.36 -17.41
C GLY A 302 -3.25 30.69 -17.51
N VAL A 303 -3.50 29.73 -16.61
CA VAL A 303 -4.81 29.07 -16.53
C VAL A 303 -5.50 29.46 -15.22
N PRO A 304 -6.85 29.41 -15.19
CA PRO A 304 -7.55 29.70 -13.94
C PRO A 304 -7.35 28.60 -12.90
N CYS A 305 -7.51 28.95 -11.62
CA CYS A 305 -7.43 27.98 -10.55
C CYS A 305 -8.72 27.98 -9.74
N ARG A 306 -9.34 26.81 -9.61
CA ARG A 306 -10.57 26.68 -8.84
C ARG A 306 -10.37 25.78 -7.64
N CYS A 307 -11.24 25.94 -6.64
CA CYS A 307 -11.17 25.14 -5.43
C CYS A 307 -12.42 24.29 -5.21
N PHE A 308 -12.19 23.02 -4.89
CA PHE A 308 -13.27 22.11 -4.55
C PHE A 308 -13.22 21.85 -3.05
N ASN A 309 -14.07 22.55 -2.32
CA ASN A 309 -14.08 22.48 -0.86
C ASN A 309 -15.08 21.45 -0.35
N PHE A 310 -14.56 20.31 0.08
CA PHE A 310 -15.40 19.21 0.57
C PHE A 310 -15.84 19.49 2.00
N CYS A 311 -17.16 19.48 2.21
CA CYS A 311 -17.75 19.97 3.45
C CYS A 311 -17.89 18.95 4.55
N ALA A 312 -17.33 17.76 4.35
CA ALA A 312 -17.38 16.70 5.35
C ALA A 312 -16.82 17.18 6.67
N THR A 313 -17.57 16.94 7.74
CA THR A 313 -17.12 17.27 9.09
C THR A 313 -16.20 16.16 9.58
N ILE A 314 -15.49 16.43 10.67
CA ILE A 314 -14.58 15.44 11.26
C ILE A 314 -15.31 14.15 11.60
N GLU A 315 -16.55 14.27 12.08
CA GLU A 315 -17.35 13.11 12.46
C GLU A 315 -17.83 12.34 11.25
N GLN A 316 -18.06 13.06 10.15
CA GLN A 316 -18.49 12.43 8.91
C GLN A 316 -17.37 11.66 8.23
N ALA A 317 -16.17 12.24 8.22
CA ALA A 317 -15.01 11.60 7.61
C ALA A 317 -14.56 10.39 8.42
N ARG A 318 -14.63 10.50 9.75
CA ARG A 318 -14.31 9.41 10.66
C ARG A 318 -15.26 8.23 10.47
N HIS A 319 -16.54 8.53 10.29
CA HIS A 319 -17.57 7.53 10.03
C HIS A 319 -17.28 6.81 8.71
N ASN A 320 -16.90 7.59 7.71
CA ASN A 320 -16.53 7.08 6.39
C ASN A 320 -15.28 6.20 6.46
N ASN A 321 -14.32 6.58 7.30
CA ASN A 321 -13.13 5.76 7.54
C ASN A 321 -13.50 4.43 8.18
N ARG A 322 -14.40 4.49 9.17
CA ARG A 322 -14.90 3.30 9.84
C ARG A 322 -15.62 2.34 8.90
N PHE A 323 -16.40 2.89 7.96
CA PHE A 323 -17.12 2.10 6.97
C PHE A 323 -16.17 1.39 6.02
N ARG A 324 -15.14 2.11 5.56
CA ARG A 324 -14.12 1.55 4.70
C ARG A 324 -13.30 0.47 5.41
N GLU A 325 -12.97 0.70 6.68
CA GLU A 325 -12.31 -0.28 7.53
C GLU A 325 -13.12 -1.56 7.67
N MSE A 326 -14.45 -1.41 7.56
CA MSE A 326 -15.38 -2.50 7.78
C MSE A 326 -15.67 -3.29 6.51
O MSE A 326 -15.89 -4.50 6.56
CB MSE A 326 -16.68 -1.91 8.34
CG MSE A 326 -17.57 -2.88 9.06
SE MSE A 326 -18.62 -1.93 10.40
CE MSE A 326 -19.42 -0.51 9.29
N THR A 327 -15.67 -2.61 5.37
CA THR A 327 -16.06 -3.21 4.10
C THR A 327 -14.88 -3.58 3.21
N ASP A 328 -13.80 -2.81 3.30
CA ASP A 328 -12.64 -2.98 2.42
C ASP A 328 -11.39 -3.44 3.19
N PRO A 329 -10.95 -4.68 2.94
CA PRO A 329 -9.80 -5.29 3.62
C PRO A 329 -8.44 -4.70 3.24
N SER A 330 -8.41 -3.86 2.20
CA SER A 330 -7.17 -3.24 1.75
C SER A 330 -7.04 -1.78 2.19
N HIS A 331 -8.00 -1.31 3.00
CA HIS A 331 -8.06 0.09 3.39
C HIS A 331 -7.04 0.47 4.46
N ALA A 332 -6.18 1.43 4.13
CA ALA A 332 -5.19 1.95 5.08
C ALA A 332 -5.87 2.79 6.16
N PRO A 333 -5.68 2.40 7.43
CA PRO A 333 -6.38 3.01 8.56
C PRO A 333 -5.94 4.44 8.81
N VAL A 334 -6.90 5.36 8.80
CA VAL A 334 -6.64 6.76 9.08
C VAL A 334 -6.72 7.02 10.58
N SER A 335 -5.58 7.30 11.19
CA SER A 335 -5.49 7.45 12.64
C SER A 335 -6.09 8.77 13.15
N ASP A 336 -6.31 8.83 14.46
CA ASP A 336 -6.81 10.04 15.11
C ASP A 336 -5.79 11.17 15.04
N MSE A 337 -4.50 10.81 15.12
CA MSE A 337 -3.41 11.77 15.05
C MSE A 337 -3.43 12.54 13.72
O MSE A 337 -3.22 13.75 13.72
CB MSE A 337 -2.06 11.06 15.23
CG MSE A 337 -0.83 11.97 15.20
SE MSE A 337 -0.58 13.05 16.84
CE MSE A 337 1.23 13.78 16.41
N VAL A 338 -3.70 11.84 12.63
CA VAL A 338 -3.80 12.45 11.30
C VAL A 338 -5.06 13.29 11.18
N MSE A 339 -6.18 12.76 11.66
CA MSE A 339 -7.47 13.45 11.63
C MSE A 339 -7.45 14.77 12.37
O MSE A 339 -7.89 15.79 11.84
CB MSE A 339 -8.57 12.54 12.20
CG MSE A 339 -8.96 11.38 11.30
SE MSE A 339 -9.68 11.94 9.58
CE MSE A 339 -11.39 12.63 10.18
N PHE A 340 -6.91 14.77 13.58
CA PHE A 340 -6.84 15.99 14.39
C PHE A 340 -5.70 16.92 13.97
N SER A 341 -4.73 16.38 13.24
CA SER A 341 -3.67 17.20 12.66
C SER A 341 -4.22 18.09 11.55
N TYR A 342 -5.13 17.52 10.75
CA TYR A 342 -5.80 18.27 9.69
C TYR A 342 -6.60 19.43 10.27
N ARG A 343 -7.36 19.16 11.33
CA ARG A 343 -8.21 20.16 11.97
C ARG A 343 -7.40 21.32 12.57
N LYS A 344 -6.20 21.02 13.06
CA LYS A 344 -5.31 22.03 13.63
C LYS A 344 -4.72 22.94 12.54
N GLN A 345 -4.42 22.36 11.38
CA GLN A 345 -3.82 23.10 10.27
C GLN A 345 -4.84 23.85 9.42
N PHE A 346 -6.10 23.46 9.53
CA PHE A 346 -7.16 23.93 8.62
C PHE A 346 -7.41 25.43 8.65
N GLU A 347 -7.36 26.03 7.46
CA GLU A 347 -7.78 27.41 7.25
C GLU A 347 -8.80 27.40 6.12
N PRO A 348 -9.95 28.06 6.32
CA PRO A 348 -11.00 28.07 5.30
C PRO A 348 -10.52 28.74 4.00
N PRO A 349 -10.74 28.06 2.86
CA PRO A 349 -10.35 28.58 1.56
C PRO A 349 -11.12 29.85 1.21
N THR A 350 -10.40 30.91 0.89
CA THR A 350 -11.02 32.17 0.52
C THR A 350 -10.65 32.55 -0.91
N LEU A 351 -11.43 33.45 -1.50
CA LEU A 351 -11.17 33.93 -2.84
C LEU A 351 -9.96 34.86 -2.86
N ALA A 352 -9.60 35.36 -1.68
CA ALA A 352 -8.44 36.25 -1.49
C ALA A 352 -7.12 35.57 -1.85
N GLU A 353 -7.08 34.25 -1.70
CA GLU A 353 -5.88 33.47 -2.02
C GLU A 353 -5.46 33.58 -3.47
N GLY A 354 -6.43 33.53 -4.38
CA GLY A 354 -6.15 33.64 -5.81
C GLY A 354 -7.06 32.80 -6.67
N PHE A 355 -8.05 32.16 -6.06
CA PHE A 355 -9.02 31.31 -6.75
C PHE A 355 -10.01 32.11 -7.58
N LEU A 356 -10.32 31.61 -8.77
CA LEU A 356 -11.39 32.19 -9.60
C LEU A 356 -12.75 32.03 -8.91
N GLU A 357 -13.05 30.81 -8.49
CA GLU A 357 -14.24 30.54 -7.68
C GLU A 357 -14.03 29.33 -6.78
N ILE A 358 -14.86 29.21 -5.74
CA ILE A 358 -14.80 28.07 -4.85
C ILE A 358 -16.13 27.34 -4.86
N LEU A 359 -16.08 26.03 -5.05
CA LEU A 359 -17.29 25.20 -5.05
C LEU A 359 -17.36 24.37 -3.78
N GLU A 360 -18.56 24.30 -3.21
CA GLU A 360 -18.82 23.51 -2.03
C GLU A 360 -19.31 22.13 -2.44
N ILE A 361 -18.67 21.08 -1.94
CA ILE A 361 -19.15 19.72 -2.19
C ILE A 361 -19.70 19.11 -0.90
N PRO A 362 -21.03 19.00 -0.82
CA PRO A 362 -21.71 18.49 0.37
C PRO A 362 -21.41 17.02 0.61
N PHE A 363 -21.44 16.61 1.87
CA PHE A 363 -21.26 15.21 2.20
C PHE A 363 -22.59 14.49 2.01
N ARG A 364 -22.58 13.46 1.18
CA ARG A 364 -23.78 12.72 0.84
C ARG A 364 -23.54 11.22 0.91
N LEU A 365 -24.64 10.46 0.95
CA LEU A 365 -24.58 9.02 0.83
C LEU A 365 -24.17 8.68 -0.60
N GLN A 366 -23.25 7.73 -0.75
CA GLN A 366 -22.80 7.32 -2.07
C GLN A 366 -23.92 6.64 -2.86
N GLU A 367 -24.20 7.17 -4.05
CA GLU A 367 -25.28 6.68 -4.90
C GLU A 367 -24.96 5.30 -5.47
N HIS A 368 -23.67 5.05 -5.70
CA HIS A 368 -23.20 3.84 -6.37
C HIS A 368 -23.17 2.61 -5.47
N LEU A 369 -23.49 2.81 -4.20
CA LEU A 369 -23.48 1.73 -3.22
C LEU A 369 -24.61 0.71 -3.43
N ASP A 370 -24.30 -0.53 -3.11
CA ASP A 370 -25.26 -1.63 -3.04
C ASP A 370 -26.31 -1.35 -1.96
N PRO A 371 -27.56 -1.80 -2.15
CA PRO A 371 -28.61 -1.71 -1.11
C PRO A 371 -28.20 -2.26 0.26
N ALA A 372 -27.45 -3.36 0.27
CA ALA A 372 -26.98 -3.96 1.52
C ALA A 372 -25.87 -3.15 2.17
N LEU A 373 -25.06 -2.50 1.35
CA LEU A 373 -23.98 -1.65 1.84
C LEU A 373 -24.48 -0.26 2.27
N GLN A 374 -25.64 0.14 1.74
CA GLN A 374 -26.30 1.38 2.18
C GLN A 374 -26.93 1.17 3.55
N ARG A 375 -27.48 -0.02 3.76
CA ARG A 375 -28.03 -0.44 5.04
C ARG A 375 -26.94 -0.39 6.11
N LEU A 376 -25.74 -0.84 5.76
CA LEU A 376 -24.61 -0.83 6.68
C LEU A 376 -24.09 0.58 6.92
N TYR A 377 -24.11 1.41 5.87
CA TYR A 377 -23.64 2.79 5.98
C TYR A 377 -24.48 3.61 6.94
N ARG A 378 -25.80 3.43 6.88
CA ARG A 378 -26.72 4.21 7.68
C ARG A 378 -26.89 3.68 9.11
N GLN A 379 -25.76 3.36 9.75
CA GLN A 379 -25.73 2.87 11.12
C GLN A 379 -24.58 3.53 11.87
N PHE A 380 -24.76 3.73 13.17
CA PHE A 380 -23.70 4.28 14.02
C PHE A 380 -22.54 3.29 14.09
N SER A 381 -21.35 3.75 13.71
CA SER A 381 -20.19 2.85 13.60
C SER A 381 -19.39 2.73 14.90
N GLU A 382 -19.45 3.75 15.76
CA GLU A 382 -18.76 3.70 17.04
C GLU A 382 -19.54 4.40 18.15
N GLY A 383 -19.42 3.86 19.36
CA GLY A 383 -20.12 4.39 20.52
C GLY A 383 -19.44 5.63 21.10
N ARG B 1 -2.02 -18.86 -23.66
CA ARG B 1 -2.91 -19.98 -23.24
C ARG B 1 -3.87 -19.56 -22.14
N LYS B 2 -5.01 -20.24 -22.06
CA LYS B 2 -6.05 -19.92 -21.07
C LYS B 2 -6.53 -21.16 -20.32
N SER B 3 -6.60 -21.02 -18.99
CA SER B 3 -7.10 -22.08 -18.07
C SER B 3 -6.27 -23.37 -18.09
N SER B 4 -5.24 -23.43 -17.26
CA SER B 4 -4.40 -24.62 -17.16
C SER B 4 -4.46 -25.27 -15.78
N LEU B 5 -4.20 -26.56 -15.73
CA LEU B 5 -4.29 -27.35 -14.50
C LEU B 5 -3.18 -27.04 -13.49
N GLY B 6 -2.02 -26.61 -13.98
CA GLY B 6 -0.88 -26.28 -13.12
C GLY B 6 0.11 -25.33 -13.78
N TRP B 7 1.32 -25.82 -14.01
CA TRP B 7 2.36 -25.03 -14.66
C TRP B 7 2.22 -25.00 -16.18
N GLU B 8 2.53 -23.85 -16.77
CA GLU B 8 2.61 -23.71 -18.23
C GLU B 8 3.70 -22.73 -18.62
N SER B 9 4.52 -23.13 -19.60
CA SER B 9 5.67 -22.34 -20.02
C SER B 9 5.37 -21.54 -21.29
N LEU B 10 5.02 -20.27 -21.12
CA LEU B 10 4.71 -19.40 -22.25
C LEU B 10 5.94 -18.63 -22.73
N LYS B 11 5.71 -17.64 -23.60
CA LYS B 11 6.76 -16.78 -24.13
C LYS B 11 7.31 -15.83 -23.05
N LYS B 12 8.50 -16.15 -22.55
CA LYS B 12 9.17 -15.38 -21.49
C LYS B 12 8.31 -15.23 -20.22
N LEU B 13 7.53 -16.26 -19.93
CA LEU B 13 6.57 -16.23 -18.82
C LEU B 13 6.21 -17.64 -18.34
N LEU B 14 6.25 -17.83 -17.02
CA LEU B 14 5.78 -19.08 -16.40
C LEU B 14 4.53 -18.79 -15.60
N VAL B 15 3.50 -19.61 -15.80
CA VAL B 15 2.23 -19.43 -15.08
C VAL B 15 1.82 -20.71 -14.34
N PHE B 16 1.64 -20.60 -13.03
CA PHE B 16 1.08 -21.67 -12.23
C PHE B 16 -0.32 -21.31 -11.79
N THR B 17 -1.24 -22.25 -11.90
CA THR B 17 -2.59 -22.09 -11.36
C THR B 17 -2.91 -23.30 -10.49
N ALA B 18 -3.05 -23.07 -9.19
CA ALA B 18 -3.37 -24.13 -8.24
C ALA B 18 -4.82 -24.58 -8.37
N SER B 19 -5.13 -25.76 -7.85
CA SER B 19 -6.52 -26.22 -7.82
C SER B 19 -7.31 -25.37 -6.83
N GLY B 20 -8.56 -25.08 -7.17
CA GLY B 20 -9.42 -24.28 -6.33
C GLY B 20 -9.31 -22.78 -6.60
N VAL B 21 -8.54 -22.43 -7.63
CA VAL B 21 -8.43 -21.03 -8.05
C VAL B 21 -9.61 -20.66 -8.93
N LYS B 22 -10.41 -19.69 -8.46
CA LYS B 22 -11.55 -19.17 -9.21
C LYS B 22 -11.20 -17.81 -9.80
N PRO B 23 -11.74 -17.50 -11.00
CA PRO B 23 -11.62 -16.13 -11.51
C PRO B 23 -12.51 -15.18 -10.73
N GLN B 24 -12.04 -13.97 -10.48
CA GLN B 24 -12.81 -13.00 -9.71
C GLN B 24 -12.78 -11.61 -10.33
N GLY B 25 -13.70 -10.77 -9.89
CA GLY B 25 -13.78 -9.37 -10.34
C GLY B 25 -12.75 -8.47 -9.70
N LYS B 26 -12.12 -8.95 -8.62
CA LYS B 26 -11.04 -8.21 -7.95
C LYS B 26 -9.88 -9.13 -7.59
N VAL B 27 -8.71 -8.55 -7.34
CA VAL B 27 -7.47 -9.32 -7.15
C VAL B 27 -6.60 -8.76 -6.01
N ALA B 28 -6.18 -9.63 -5.11
CA ALA B 28 -5.12 -9.31 -4.17
C ALA B 28 -3.83 -9.88 -4.74
N ALA B 29 -2.97 -8.99 -5.24
CA ALA B 29 -1.74 -9.41 -5.92
C ALA B 29 -0.52 -9.11 -5.08
N PHE B 30 0.45 -10.03 -5.09
CA PHE B 30 1.61 -9.94 -4.21
C PHE B 30 2.92 -10.14 -4.93
N ASP B 31 3.99 -9.60 -4.35
CA ASP B 31 5.34 -9.95 -4.75
C ASP B 31 5.73 -11.20 -3.96
N LEU B 32 6.82 -11.85 -4.35
CA LEU B 32 7.27 -13.04 -3.66
C LEU B 32 8.43 -12.73 -2.72
N ASP B 33 9.58 -12.36 -3.28
CA ASP B 33 10.80 -12.12 -2.51
C ASP B 33 10.75 -10.85 -1.68
N GLY B 34 10.75 -11.00 -0.36
CA GLY B 34 10.72 -9.87 0.57
C GLY B 34 9.33 -9.35 0.90
N THR B 35 8.30 -10.07 0.45
CA THR B 35 6.92 -9.65 0.64
C THR B 35 6.10 -10.75 1.31
N LEU B 36 6.15 -11.95 0.74
CA LEU B 36 5.44 -13.09 1.32
C LEU B 36 6.42 -13.99 2.04
N ILE B 37 7.63 -14.10 1.49
CA ILE B 37 8.71 -14.86 2.10
C ILE B 37 10.00 -14.06 2.14
N THR B 38 10.89 -14.46 3.04
CA THR B 38 12.24 -13.91 3.10
C THR B 38 13.21 -15.06 3.34
N THR B 39 14.51 -14.79 3.16
CA THR B 39 15.52 -15.81 3.38
C THR B 39 15.59 -16.17 4.87
N ARG B 40 15.78 -17.44 5.14
CA ARG B 40 15.92 -17.94 6.49
C ARG B 40 17.32 -17.61 7.01
N SER B 41 18.30 -17.65 6.11
CA SER B 41 19.70 -17.37 6.43
C SER B 41 19.93 -15.91 6.80
N GLY B 42 19.24 -15.01 6.10
CA GLY B 42 19.34 -13.58 6.37
C GLY B 42 20.19 -12.83 5.36
N LYS B 43 20.88 -13.56 4.50
CA LYS B 43 21.63 -12.94 3.41
C LYS B 43 20.71 -12.63 2.24
N VAL B 44 21.19 -11.79 1.31
CA VAL B 44 20.37 -11.30 0.20
C VAL B 44 19.90 -12.42 -0.73
N PHE B 45 20.80 -13.35 -1.04
CA PHE B 45 20.47 -14.48 -1.90
C PHE B 45 20.24 -15.74 -1.07
N PRO B 46 19.25 -16.56 -1.49
CA PRO B 46 18.99 -17.87 -0.86
C PRO B 46 20.14 -18.86 -1.03
N THR B 47 20.43 -19.62 0.02
CA THR B 47 21.51 -20.59 0.03
C THR B 47 21.03 -21.96 -0.45
N SER B 48 19.73 -22.18 -0.36
CA SER B 48 19.13 -23.47 -0.73
C SER B 48 17.69 -23.26 -1.21
N PRO B 49 17.10 -24.28 -1.87
CA PRO B 49 15.67 -24.25 -2.16
C PRO B 49 14.77 -24.25 -0.91
N SER B 50 15.35 -24.59 0.24
CA SER B 50 14.62 -24.51 1.51
C SER B 50 15.04 -23.32 2.38
N ASP B 51 15.88 -22.45 1.83
CA ASP B 51 16.30 -21.22 2.53
C ASP B 51 15.24 -20.12 2.43
N TRP B 52 14.08 -20.38 3.02
CA TRP B 52 12.98 -19.40 3.03
C TRP B 52 12.11 -19.59 4.27
N ARG B 53 11.41 -18.52 4.62
CA ARG B 53 10.43 -18.54 5.70
C ARG B 53 9.36 -17.51 5.38
N ILE B 54 8.15 -17.74 5.86
CA ILE B 54 7.08 -16.76 5.72
C ILE B 54 7.50 -15.50 6.47
N LEU B 55 7.39 -14.36 5.80
CA LEU B 55 7.91 -13.09 6.30
C LEU B 55 7.32 -12.65 7.64
N TYR B 56 5.99 -12.67 7.72
CA TYR B 56 5.29 -12.28 8.94
C TYR B 56 4.21 -13.31 9.29
N PRO B 57 4.07 -13.63 10.59
CA PRO B 57 3.07 -14.59 11.06
C PRO B 57 1.62 -14.23 10.70
N GLU B 58 1.36 -12.95 10.50
CA GLU B 58 0.02 -12.46 10.19
C GLU B 58 -0.45 -12.79 8.77
N ILE B 59 0.50 -13.15 7.90
CA ILE B 59 0.23 -13.36 6.47
C ILE B 59 -0.84 -14.41 6.12
N PRO B 60 -0.68 -15.68 6.57
CA PRO B 60 -1.66 -16.71 6.18
C PRO B 60 -3.12 -16.37 6.49
N LYS B 61 -3.36 -15.83 7.68
CA LYS B 61 -4.72 -15.43 8.10
C LYS B 61 -5.29 -14.37 7.15
N LYS B 62 -4.45 -13.40 6.80
CA LYS B 62 -4.85 -12.32 5.90
C LYS B 62 -5.20 -12.83 4.50
N LEU B 63 -4.46 -13.82 4.03
CA LEU B 63 -4.72 -14.43 2.72
C LEU B 63 -6.07 -15.16 2.70
N GLN B 64 -6.40 -15.81 3.80
CA GLN B 64 -7.70 -16.51 3.93
C GLN B 64 -8.87 -15.52 4.00
N GLU B 65 -8.67 -14.44 4.75
CA GLU B 65 -9.66 -13.36 4.86
C GLU B 65 -9.95 -12.73 3.48
N LEU B 66 -8.92 -12.60 2.65
CA LEU B 66 -9.07 -12.04 1.31
C LEU B 66 -9.75 -13.01 0.34
N ALA B 67 -9.41 -14.29 0.45
CA ALA B 67 -10.03 -15.35 -0.34
C ALA B 67 -11.53 -15.45 -0.06
N ALA B 68 -11.88 -15.41 1.22
CA ALA B 68 -13.26 -15.45 1.67
C ALA B 68 -14.07 -14.23 1.20
N GLU B 69 -13.39 -13.10 1.01
CA GLU B 69 -14.03 -11.88 0.51
C GLU B 69 -14.11 -11.80 -1.02
N GLY B 70 -13.70 -12.87 -1.69
CA GLY B 70 -13.79 -12.96 -3.14
C GLY B 70 -12.68 -12.28 -3.91
N TYR B 71 -11.51 -12.15 -3.28
CA TYR B 71 -10.34 -11.64 -3.98
C TYR B 71 -9.57 -12.82 -4.56
N LYS B 72 -9.26 -12.75 -5.85
CA LYS B 72 -8.38 -13.71 -6.49
C LYS B 72 -6.94 -13.44 -6.02
N LEU B 73 -6.26 -14.49 -5.61
CA LEU B 73 -4.92 -14.35 -5.05
C LEU B 73 -3.84 -14.65 -6.09
N VAL B 74 -3.03 -13.63 -6.39
CA VAL B 74 -2.03 -13.72 -7.45
C VAL B 74 -0.65 -13.31 -6.95
N ILE B 75 0.38 -13.94 -7.49
CA ILE B 75 1.78 -13.57 -7.24
C ILE B 75 2.46 -13.10 -8.52
N PHE B 76 2.99 -11.89 -8.51
CA PHE B 76 3.82 -11.37 -9.60
C PHE B 76 5.28 -11.32 -9.15
N THR B 77 6.11 -12.20 -9.70
CA THR B 77 7.50 -12.31 -9.26
C THR B 77 8.51 -12.15 -10.41
N ASN B 78 9.57 -11.40 -10.15
CA ASN B 78 10.66 -11.24 -11.11
C ASN B 78 11.77 -12.24 -10.83
N GLN B 79 12.05 -13.09 -11.82
CA GLN B 79 13.11 -14.09 -11.72
C GLN B 79 13.96 -14.09 -12.97
N MSE B 80 14.81 -13.08 -13.10
CA MSE B 80 15.71 -12.93 -14.25
C MSE B 80 16.76 -14.02 -14.30
O MSE B 80 17.30 -14.33 -15.36
CB MSE B 80 16.40 -11.57 -14.19
CG MSE B 80 15.47 -10.39 -14.40
SE MSE B 80 15.39 -9.79 -16.26
CE MSE B 80 17.30 -9.25 -16.51
N GLY B 81 17.05 -14.60 -13.13
CA GLY B 81 18.02 -15.70 -13.01
C GLY B 81 17.68 -16.92 -13.84
N ILE B 82 16.39 -17.15 -14.06
CA ILE B 82 15.95 -18.26 -14.91
C ILE B 82 16.29 -17.98 -16.37
N GLY B 83 16.00 -16.76 -16.83
CA GLY B 83 16.28 -16.33 -18.19
C GLY B 83 17.77 -16.27 -18.48
N ARG B 84 18.53 -15.76 -17.50
CA ARG B 84 19.98 -15.64 -17.65
C ARG B 84 20.72 -16.97 -17.48
N GLY B 85 19.98 -18.03 -17.11
CA GLY B 85 20.54 -19.37 -16.98
C GLY B 85 21.20 -19.61 -15.63
N LYS B 86 21.14 -18.61 -14.77
CA LYS B 86 21.73 -18.65 -13.43
C LYS B 86 20.95 -19.58 -12.50
N LEU B 87 19.62 -19.60 -12.65
CA LEU B 87 18.73 -20.41 -11.82
C LEU B 87 17.91 -21.37 -12.68
N PRO B 88 17.98 -22.68 -12.37
CA PRO B 88 17.23 -23.69 -13.12
C PRO B 88 15.72 -23.56 -12.91
N ALA B 89 14.97 -23.70 -13.99
CA ALA B 89 13.52 -23.50 -13.98
C ALA B 89 12.76 -24.46 -13.05
N GLU B 90 13.25 -25.69 -12.93
CA GLU B 90 12.57 -26.72 -12.13
C GLU B 90 12.74 -26.52 -10.63
N VAL B 91 13.83 -25.87 -10.23
CA VAL B 91 14.12 -25.63 -8.82
C VAL B 91 13.17 -24.58 -8.25
N PHE B 92 12.95 -23.51 -9.02
CA PHE B 92 12.03 -22.45 -8.62
C PHE B 92 10.58 -22.92 -8.63
N LYS B 93 10.21 -23.72 -9.64
CA LYS B 93 8.89 -24.33 -9.72
C LYS B 93 8.57 -25.17 -8.48
N GLY B 94 9.56 -25.96 -8.05
CA GLY B 94 9.44 -26.77 -6.84
C GLY B 94 9.44 -25.94 -5.57
N LYS B 95 10.12 -24.80 -5.61
CA LYS B 95 10.16 -23.89 -4.46
C LYS B 95 8.82 -23.21 -4.24
N VAL B 96 8.22 -22.74 -5.33
CA VAL B 96 6.93 -22.04 -5.29
C VAL B 96 5.83 -22.93 -4.71
N GLU B 97 5.77 -24.18 -5.18
CA GLU B 97 4.80 -25.17 -4.72
C GLU B 97 4.91 -25.43 -3.21
N ALA B 98 6.15 -25.43 -2.71
CA ALA B 98 6.42 -25.61 -1.30
C ALA B 98 5.94 -24.41 -0.49
N VAL B 99 6.16 -23.22 -1.03
CA VAL B 99 5.72 -21.97 -0.39
C VAL B 99 4.18 -21.90 -0.35
N LEU B 100 3.55 -22.27 -1.45
CA LEU B 100 2.08 -22.27 -1.54
C LEU B 100 1.45 -23.32 -0.63
N GLU B 101 2.18 -24.41 -0.40
CA GLU B 101 1.77 -25.44 0.55
C GLU B 101 1.75 -24.88 1.98
N LYS B 102 2.77 -24.10 2.32
CA LYS B 102 2.88 -23.52 3.67
C LYS B 102 1.87 -22.39 3.88
N LEU B 103 1.53 -21.68 2.81
CA LEU B 103 0.56 -20.59 2.90
C LEU B 103 -0.87 -21.09 3.03
N GLY B 104 -1.11 -22.31 2.54
CA GLY B 104 -2.40 -22.98 2.68
C GLY B 104 -3.55 -22.31 1.94
N VAL B 105 -3.26 -21.78 0.76
CA VAL B 105 -4.21 -20.98 0.00
C VAL B 105 -3.97 -21.12 -1.52
N PRO B 106 -5.05 -21.29 -2.31
CA PRO B 106 -4.97 -21.37 -3.77
C PRO B 106 -4.47 -20.08 -4.41
N PHE B 107 -3.32 -20.17 -5.09
CA PHE B 107 -2.70 -19.02 -5.73
C PHE B 107 -2.56 -19.22 -7.24
N GLN B 108 -2.47 -18.10 -7.96
CA GLN B 108 -2.05 -18.10 -9.35
C GLN B 108 -0.73 -17.33 -9.42
N VAL B 109 0.32 -17.99 -9.90
CA VAL B 109 1.66 -17.41 -9.87
C VAL B 109 2.14 -17.07 -11.28
N LEU B 110 2.51 -15.80 -11.48
CA LEU B 110 3.05 -15.36 -12.75
C LEU B 110 4.53 -14.97 -12.59
N VAL B 111 5.38 -15.60 -13.39
CA VAL B 111 6.83 -15.45 -13.26
C VAL B 111 7.44 -14.81 -14.51
N ALA B 112 8.02 -13.62 -14.33
CA ALA B 112 8.76 -12.96 -15.39
C ALA B 112 10.16 -13.58 -15.47
N THR B 113 10.45 -14.20 -16.61
CA THR B 113 11.68 -14.96 -16.78
C THR B 113 12.81 -14.10 -17.37
N HIS B 114 12.46 -13.24 -18.32
CA HIS B 114 13.46 -12.40 -18.99
C HIS B 114 13.15 -10.92 -18.79
N ALA B 115 13.88 -10.07 -19.50
CA ALA B 115 13.61 -8.64 -19.54
C ALA B 115 12.47 -8.38 -20.52
N GLY B 116 11.90 -7.18 -20.46
CA GLY B 116 10.87 -6.78 -21.42
C GLY B 116 9.54 -6.47 -20.75
N LEU B 117 8.45 -6.81 -21.45
CA LEU B 117 7.10 -6.47 -21.01
C LEU B 117 6.70 -7.09 -19.67
N ASN B 118 7.09 -8.35 -19.47
CA ASN B 118 6.73 -9.07 -18.25
C ASN B 118 7.58 -8.69 -17.05
N ARG B 119 8.75 -8.11 -17.31
CA ARG B 119 9.65 -7.65 -16.25
C ARG B 119 9.06 -6.41 -15.60
N LYS B 120 8.47 -6.57 -14.42
CA LYS B 120 7.89 -5.43 -13.72
C LYS B 120 9.01 -4.45 -13.32
N PRO B 121 8.73 -3.13 -13.32
CA PRO B 121 7.48 -2.35 -13.33
C PRO B 121 6.57 -2.43 -14.55
N VAL B 122 7.07 -2.96 -15.68
CA VAL B 122 6.25 -3.04 -16.88
C VAL B 122 5.06 -3.98 -16.66
N SER B 123 3.90 -3.59 -17.18
CA SER B 123 2.62 -4.20 -16.82
C SER B 123 2.25 -5.47 -17.57
N GLY B 124 3.19 -6.00 -18.37
CA GLY B 124 2.95 -7.17 -19.20
C GLY B 124 2.28 -8.33 -18.48
N MSE B 125 2.73 -8.60 -17.25
CA MSE B 125 2.17 -9.69 -16.44
C MSE B 125 0.74 -9.43 -15.98
O MSE B 125 -0.05 -10.36 -15.86
CB MSE B 125 3.08 -9.98 -15.25
CG MSE B 125 4.26 -10.85 -15.58
SE MSE B 125 5.07 -11.65 -13.99
CE MSE B 125 5.67 -9.99 -13.09
N TRP B 126 0.42 -8.18 -15.71
CA TRP B 126 -0.94 -7.81 -15.34
C TRP B 126 -1.88 -7.91 -16.53
N ASP B 127 -1.42 -7.46 -17.69
CA ASP B 127 -2.21 -7.49 -18.92
C ASP B 127 -2.53 -8.93 -19.31
N HIS B 128 -1.58 -9.82 -19.05
CA HIS B 128 -1.78 -11.24 -19.29
C HIS B 128 -2.86 -11.80 -18.37
N LEU B 129 -2.92 -11.31 -17.13
CA LEU B 129 -3.94 -11.74 -16.20
C LEU B 129 -5.33 -11.34 -16.67
N GLN B 130 -5.47 -10.10 -17.14
CA GLN B 130 -6.73 -9.60 -17.68
C GLN B 130 -7.15 -10.36 -18.92
N GLU B 131 -6.24 -10.43 -19.89
CA GLU B 131 -6.55 -10.97 -21.22
C GLU B 131 -6.53 -12.50 -21.33
N GLN B 132 -5.73 -13.17 -20.51
CA GLN B 132 -5.47 -14.60 -20.71
C GLN B 132 -5.71 -15.51 -19.50
N ALA B 133 -5.43 -15.02 -18.29
CA ALA B 133 -5.44 -15.89 -17.10
C ALA B 133 -6.74 -15.85 -16.28
N ASN B 134 -7.44 -14.72 -16.33
CA ASN B 134 -8.79 -14.64 -15.77
C ASN B 134 -9.73 -15.09 -16.88
N GLU B 135 -10.63 -16.01 -16.56
CA GLU B 135 -11.43 -16.71 -17.59
C GLU B 135 -12.54 -15.85 -18.20
N GLY B 136 -12.14 -14.76 -18.85
CA GLY B 136 -13.08 -13.82 -19.44
C GLY B 136 -13.53 -12.72 -18.50
N ILE B 137 -13.42 -12.96 -17.20
CA ILE B 137 -13.90 -12.03 -16.17
C ILE B 137 -12.99 -10.81 -16.08
N PRO B 138 -13.56 -9.60 -16.26
CA PRO B 138 -12.80 -8.35 -16.16
C PRO B 138 -12.50 -8.03 -14.70
N ILE B 139 -11.32 -7.48 -14.46
CA ILE B 139 -10.91 -7.13 -13.11
C ILE B 139 -11.04 -5.63 -12.88
N SER B 140 -11.76 -5.26 -11.84
CA SER B 140 -11.81 -3.88 -11.39
C SER B 140 -10.49 -3.51 -10.74
N VAL B 141 -9.78 -2.57 -11.36
CA VAL B 141 -8.44 -2.18 -10.92
C VAL B 141 -8.47 -1.49 -9.55
N GLU B 142 -9.34 -0.51 -9.40
CA GLU B 142 -9.45 0.24 -8.14
C GLU B 142 -10.04 -0.58 -6.99
N ASP B 143 -10.68 -1.70 -7.31
CA ASP B 143 -11.17 -2.61 -6.27
C ASP B 143 -10.14 -3.69 -5.92
N SER B 144 -9.00 -3.66 -6.60
CA SER B 144 -7.92 -4.62 -6.36
C SER B 144 -6.78 -3.97 -5.58
N VAL B 145 -5.72 -4.73 -5.31
CA VAL B 145 -4.56 -4.19 -4.60
C VAL B 145 -3.27 -4.97 -4.92
N PHE B 146 -2.16 -4.25 -5.06
CA PHE B 146 -0.85 -4.88 -5.20
C PHE B 146 0.03 -4.63 -3.98
N VAL B 147 0.68 -5.69 -3.49
CA VAL B 147 1.53 -5.57 -2.31
C VAL B 147 2.96 -6.03 -2.62
N GLY B 148 3.92 -5.14 -2.40
CA GLY B 148 5.33 -5.46 -2.63
C GLY B 148 6.30 -4.63 -1.81
N ASP B 149 7.55 -5.12 -1.72
CA ASP B 149 8.57 -4.48 -0.89
C ASP B 149 9.53 -3.58 -1.67
N ALA B 150 9.54 -3.71 -2.99
CA ALA B 150 10.35 -2.83 -3.83
C ALA B 150 9.55 -1.55 -4.04
N ALA B 151 9.60 -0.68 -3.03
CA ALA B 151 8.68 0.44 -2.94
C ALA B 151 9.37 1.81 -2.89
N GLY B 152 10.68 1.82 -3.14
CA GLY B 152 11.44 3.07 -3.17
C GLY B 152 11.43 3.85 -1.88
N ARG B 153 11.32 3.15 -0.75
CA ARG B 153 11.29 3.76 0.57
C ARG B 153 12.64 4.33 0.92
N LEU B 154 12.65 5.45 1.63
CA LEU B 154 13.88 6.10 2.06
C LEU B 154 14.52 5.36 3.23
N ALA B 155 15.74 5.76 3.58
CA ALA B 155 16.48 5.15 4.68
C ALA B 155 15.75 5.31 6.01
N ASN B 156 15.88 4.29 6.86
CA ASN B 156 15.39 4.30 8.24
C ASN B 156 13.87 4.46 8.40
N TRP B 157 13.10 3.82 7.52
CA TRP B 157 11.64 3.90 7.56
C TRP B 157 11.04 3.08 8.71
N ALA B 158 11.81 2.14 9.23
CA ALA B 158 11.43 1.36 10.42
C ALA B 158 12.64 1.21 11.31
N PRO B 159 12.44 0.86 12.60
CA PRO B 159 13.59 0.58 13.46
C PRO B 159 14.39 -0.62 12.95
N GLY B 160 15.70 -0.44 12.80
CA GLY B 160 16.60 -1.53 12.41
C GLY B 160 16.70 -1.81 10.93
N ARG B 161 16.30 -0.85 10.11
CA ARG B 161 16.45 -0.97 8.66
C ARG B 161 17.08 0.29 8.08
N LYS B 162 18.40 0.36 8.22
CA LYS B 162 19.20 1.53 7.83
C LYS B 162 19.22 1.77 6.31
N LYS B 163 19.16 0.68 5.56
CA LYS B 163 19.29 0.76 4.11
C LYS B 163 17.95 1.10 3.47
N LYS B 164 17.98 1.96 2.45
CA LYS B 164 16.78 2.30 1.67
C LYS B 164 16.41 1.14 0.76
N ASP B 165 15.23 1.23 0.14
CA ASP B 165 14.78 0.19 -0.79
C ASP B 165 15.70 0.09 -1.99
N PHE B 166 16.14 -1.14 -2.30
CA PHE B 166 16.98 -1.38 -3.47
C PHE B 166 16.27 -0.97 -4.76
N SER B 167 14.97 -1.25 -4.84
CA SER B 167 14.20 -0.99 -6.04
C SER B 167 12.90 -0.24 -5.73
N CYS B 168 12.27 0.30 -6.76
CA CYS B 168 10.96 0.91 -6.64
C CYS B 168 9.98 0.16 -7.54
N ALA B 169 10.40 -1.02 -7.99
CA ALA B 169 9.66 -1.79 -9.00
C ALA B 169 8.21 -2.10 -8.67
N ASP B 170 7.97 -2.63 -7.48
CA ASP B 170 6.62 -3.01 -7.05
C ASP B 170 5.63 -1.84 -7.05
N ARG B 171 6.05 -0.70 -6.50
CA ARG B 171 5.22 0.49 -6.43
C ARG B 171 4.90 1.05 -7.83
N LEU B 172 5.89 1.03 -8.71
CA LEU B 172 5.74 1.55 -10.06
C LEU B 172 4.89 0.64 -10.93
N PHE B 173 4.94 -0.66 -10.66
CA PHE B 173 4.08 -1.63 -11.33
C PHE B 173 2.61 -1.30 -11.09
N ALA B 174 2.27 -1.05 -9.83
CA ALA B 174 0.92 -0.67 -9.46
C ALA B 174 0.57 0.71 -10.01
N LEU B 175 1.56 1.60 -10.07
CA LEU B 175 1.38 2.94 -10.62
C LEU B 175 1.12 2.90 -12.13
N ASN B 176 1.80 1.99 -12.83
CA ASN B 176 1.57 1.77 -14.27
C ASN B 176 0.17 1.26 -14.56
N VAL B 177 -0.25 0.25 -13.81
CA VAL B 177 -1.56 -0.39 -14.00
C VAL B 177 -2.70 0.49 -13.47
N GLY B 178 -2.44 1.25 -12.41
CA GLY B 178 -3.47 2.03 -11.75
C GLY B 178 -3.97 1.37 -10.47
N LEU B 179 -3.25 0.35 -10.01
CA LEU B 179 -3.59 -0.39 -8.81
C LEU B 179 -3.21 0.36 -7.53
N PRO B 180 -4.10 0.32 -6.52
CA PRO B 180 -3.75 0.70 -5.15
C PRO B 180 -2.55 -0.09 -4.65
N PHE B 181 -1.58 0.60 -4.05
CA PHE B 181 -0.36 -0.05 -3.62
C PHE B 181 -0.21 -0.05 -2.10
N ALA B 182 0.40 -1.10 -1.56
CA ALA B 182 0.80 -1.15 -0.17
C ALA B 182 2.10 -1.92 -0.04
N THR B 183 2.88 -1.62 1.00
CA THR B 183 4.04 -2.42 1.34
C THR B 183 3.56 -3.56 2.23
N PRO B 184 4.38 -4.61 2.43
CA PRO B 184 3.93 -5.68 3.32
C PRO B 184 3.65 -5.17 4.72
N GLU B 185 4.50 -4.27 5.20
CA GLU B 185 4.37 -3.69 6.52
C GLU B 185 3.08 -2.87 6.65
N GLU B 186 2.76 -2.12 5.60
CA GLU B 186 1.53 -1.34 5.57
C GLU B 186 0.30 -2.23 5.43
N PHE B 187 0.41 -3.25 4.57
CA PHE B 187 -0.73 -4.12 4.27
C PHE B 187 -1.04 -5.11 5.37
N PHE B 188 -0.03 -5.89 5.78
CA PHE B 188 -0.21 -6.96 6.77
C PHE B 188 -0.18 -6.49 8.21
N LEU B 189 0.69 -5.53 8.51
CA LEU B 189 0.93 -5.11 9.89
C LEU B 189 0.19 -3.85 10.30
N LYS B 190 -0.42 -3.17 9.32
CA LYS B 190 -1.10 -1.88 9.52
C LYS B 190 -0.15 -0.79 10.07
N TRP B 191 1.09 -0.83 9.61
CA TRP B 191 2.10 0.16 9.97
C TRP B 191 1.87 1.42 9.13
N PRO B 192 2.19 2.60 9.68
CA PRO B 192 2.02 3.88 8.96
C PRO B 192 2.78 3.91 7.64
N ALA B 193 2.22 4.59 6.65
CA ALA B 193 2.81 4.70 5.33
C ALA B 193 4.23 5.24 5.43
N ALA B 194 5.19 4.47 4.92
CA ALA B 194 6.59 4.83 4.99
C ALA B 194 6.95 5.79 3.87
N ARG B 195 7.83 6.75 4.17
CA ARG B 195 8.25 7.77 3.23
C ARG B 195 8.99 7.17 2.04
N PHE B 196 8.67 7.63 0.84
CA PHE B 196 9.22 7.04 -0.37
C PHE B 196 9.53 8.08 -1.45
N GLU B 197 10.25 7.63 -2.47
CA GLU B 197 10.51 8.47 -3.64
C GLU B 197 10.33 7.72 -4.95
N LEU B 198 9.88 8.44 -5.97
CA LEU B 198 9.75 7.90 -7.32
C LEU B 198 11.00 8.31 -8.11
N PRO B 199 11.36 7.55 -9.16
CA PRO B 199 12.51 7.92 -9.99
C PRO B 199 12.38 9.34 -10.53
N ALA B 200 13.50 10.05 -10.62
CA ALA B 200 13.54 11.43 -11.12
C ALA B 200 12.81 11.62 -12.46
N PHE B 201 12.95 10.64 -13.35
CA PHE B 201 12.25 10.69 -14.64
C PHE B 201 10.91 9.95 -14.61
N ASP B 202 9.85 10.70 -14.91
CA ASP B 202 8.50 10.16 -15.03
C ASP B 202 8.12 10.17 -16.51
N PRO B 203 8.02 8.99 -17.12
CA PRO B 203 7.70 8.81 -18.55
C PRO B 203 6.40 9.48 -18.98
N ARG B 204 5.48 9.69 -18.03
CA ARG B 204 4.20 10.30 -18.31
C ARG B 204 4.30 11.79 -18.60
N THR B 205 5.48 12.37 -18.36
CA THR B 205 5.70 13.80 -18.60
C THR B 205 6.12 14.06 -20.05
N ILE B 206 6.42 12.98 -20.79
CA ILE B 206 6.87 13.12 -22.17
C ILE B 206 5.69 13.07 -23.14
N SER B 207 5.63 14.06 -24.03
CA SER B 207 4.55 14.17 -24.99
C SER B 207 5.03 14.78 -26.30
N SER B 208 4.07 15.09 -27.18
CA SER B 208 4.35 15.78 -28.44
C SER B 208 4.19 17.29 -28.26
N ALA B 209 3.92 17.72 -27.03
CA ALA B 209 3.76 19.15 -26.73
C ALA B 209 5.10 19.87 -26.64
N GLY B 210 5.04 21.20 -26.67
CA GLY B 210 6.25 22.03 -26.61
C GLY B 210 6.93 22.17 -27.95
N PRO B 211 8.01 22.95 -28.00
CA PRO B 211 8.74 23.20 -29.25
C PRO B 211 9.57 22.01 -29.69
N LEU B 212 9.71 21.85 -31.00
CA LEU B 212 10.54 20.81 -31.60
C LEU B 212 12.03 21.13 -31.39
N TYR B 213 12.35 22.42 -31.40
CA TYR B 213 13.71 22.89 -31.18
C TYR B 213 13.72 24.31 -30.61
N LEU B 214 14.82 24.65 -29.93
CA LEU B 214 15.00 25.97 -29.34
C LEU B 214 16.33 26.59 -29.77
N PRO B 215 16.34 27.88 -30.15
CA PRO B 215 15.19 28.78 -30.21
C PRO B 215 14.30 28.53 -31.42
N GLU B 216 13.02 28.87 -31.29
CA GLU B 216 12.04 28.64 -32.36
C GLU B 216 12.22 29.58 -33.55
N SER B 217 12.88 30.72 -33.33
CA SER B 217 13.14 31.69 -34.38
C SER B 217 14.17 31.19 -35.40
N SER B 218 14.93 30.18 -35.00
CA SER B 218 15.86 29.51 -35.90
C SER B 218 15.14 28.59 -36.87
N SER B 219 15.89 28.04 -37.81
CA SER B 219 15.40 26.99 -38.69
C SER B 219 16.41 25.87 -38.71
N LEU B 220 15.93 24.63 -38.60
CA LEU B 220 16.81 23.48 -38.48
C LEU B 220 17.43 23.05 -39.82
N LEU B 221 16.74 23.35 -40.92
CA LEU B 221 17.33 23.19 -42.26
C LEU B 221 18.11 24.44 -42.63
N SER B 222 19.14 24.26 -43.47
CA SER B 222 19.90 25.37 -44.03
C SER B 222 19.93 25.26 -45.54
N PRO B 223 19.71 26.39 -46.26
CA PRO B 223 19.73 26.38 -47.72
C PRO B 223 21.14 26.23 -48.29
N ASN B 224 22.12 26.78 -47.59
CA ASN B 224 23.52 26.73 -48.02
C ASN B 224 24.30 25.68 -47.22
N PRO B 225 25.35 25.10 -47.84
CA PRO B 225 26.19 24.05 -47.23
C PRO B 225 26.64 24.37 -45.80
N GLU B 226 26.60 23.35 -44.94
CA GLU B 226 27.06 23.47 -43.56
C GLU B 226 27.41 22.10 -42.98
N VAL B 227 27.95 22.09 -41.77
CA VAL B 227 28.15 20.85 -41.02
C VAL B 227 27.34 20.92 -39.73
N VAL B 228 26.43 19.98 -39.54
CA VAL B 228 25.68 19.89 -38.30
C VAL B 228 26.29 18.79 -37.43
N VAL B 229 26.70 19.16 -36.22
CA VAL B 229 27.24 18.19 -35.28
C VAL B 229 26.17 17.84 -34.24
N ALA B 230 25.72 16.58 -34.28
CA ALA B 230 24.75 16.11 -33.29
C ALA B 230 25.46 15.75 -31.98
N VAL B 231 24.83 16.12 -30.85
CA VAL B 231 25.37 15.80 -29.53
C VAL B 231 24.25 15.25 -28.65
N GLY B 232 24.43 14.02 -28.16
CA GLY B 232 23.41 13.39 -27.33
C GLY B 232 23.79 11.97 -26.93
N PHE B 233 23.17 11.50 -25.84
CA PHE B 233 23.36 10.14 -25.34
C PHE B 233 23.00 9.11 -26.40
N PRO B 234 23.63 7.91 -26.33
CA PRO B 234 23.07 6.79 -27.10
C PRO B 234 21.65 6.51 -26.60
N GLY B 235 20.69 6.53 -27.51
CA GLY B 235 19.29 6.35 -27.13
C GLY B 235 18.54 7.67 -26.97
N ALA B 236 19.14 8.78 -27.42
CA ALA B 236 18.49 10.09 -27.31
C ALA B 236 17.47 10.36 -28.42
N GLY B 237 17.54 9.55 -29.48
CA GLY B 237 16.67 9.74 -30.63
C GLY B 237 17.27 10.68 -31.66
N LYS B 238 18.59 10.83 -31.62
CA LYS B 238 19.33 11.63 -32.60
C LYS B 238 19.04 11.13 -33.99
N SER B 239 19.32 9.84 -34.21
CA SER B 239 19.21 9.20 -35.51
C SER B 239 17.83 9.38 -36.13
N THR B 240 16.79 9.16 -35.33
CA THR B 240 15.40 9.31 -35.79
C THR B 240 15.06 10.75 -36.16
N PHE B 241 15.39 11.68 -35.27
CA PHE B 241 15.18 13.11 -35.49
C PHE B 241 15.88 13.58 -36.75
N ILE B 242 17.15 13.18 -36.90
CA ILE B 242 17.97 13.60 -38.04
C ILE B 242 17.43 13.05 -39.36
N GLN B 243 17.09 11.76 -39.37
CA GLN B 243 16.55 11.11 -40.55
C GLN B 243 15.23 11.70 -41.04
N GLU B 244 14.41 12.14 -40.09
CA GLU B 244 13.14 12.79 -40.43
C GLU B 244 13.29 14.22 -40.94
N HIS B 245 14.15 15.00 -40.30
CA HIS B 245 14.20 16.43 -40.55
C HIS B 245 15.32 16.88 -41.48
N LEU B 246 16.40 16.09 -41.55
CA LEU B 246 17.57 16.50 -42.33
C LEU B 246 17.86 15.62 -43.56
N VAL B 247 18.06 14.33 -43.33
CA VAL B 247 18.40 13.37 -44.39
C VAL B 247 17.35 13.34 -45.50
N SER B 248 16.08 13.25 -45.10
CA SER B 248 14.96 13.20 -46.05
C SER B 248 14.84 14.47 -46.90
N ALA B 249 15.58 15.51 -46.52
CA ALA B 249 15.61 16.75 -47.27
C ALA B 249 16.98 17.03 -47.89
N GLY B 250 17.80 15.98 -47.99
CA GLY B 250 19.05 16.07 -48.77
C GLY B 250 20.37 16.16 -48.03
N TYR B 251 20.34 16.17 -46.70
CA TYR B 251 21.55 16.19 -45.90
C TYR B 251 22.27 14.84 -45.97
N VAL B 252 23.60 14.89 -46.11
CA VAL B 252 24.41 13.68 -46.08
C VAL B 252 24.49 13.15 -44.66
N HIS B 253 24.14 11.88 -44.47
CA HIS B 253 24.20 11.23 -43.16
C HIS B 253 25.60 10.69 -42.92
N VAL B 254 26.17 11.06 -41.78
CA VAL B 254 27.42 10.46 -41.32
C VAL B 254 27.19 9.83 -39.95
N ASN B 255 27.36 8.51 -39.87
CA ASN B 255 27.08 7.75 -38.66
C ASN B 255 28.20 6.78 -38.34
N ARG B 256 28.74 6.87 -37.13
CA ARG B 256 29.85 6.05 -36.67
C ARG B 256 29.55 4.55 -36.66
N ASP B 257 28.38 4.18 -36.14
CA ASP B 257 27.99 2.77 -36.05
C ASP B 257 27.92 2.08 -37.41
N THR B 258 27.52 2.83 -38.43
CA THR B 258 27.44 2.30 -39.79
C THR B 258 28.78 2.35 -40.52
N LEU B 259 29.51 3.45 -40.35
CA LEU B 259 30.77 3.66 -41.09
C LEU B 259 31.98 2.88 -40.55
N GLY B 260 31.98 2.60 -39.25
CA GLY B 260 33.02 1.73 -38.69
C GLY B 260 34.12 2.39 -37.88
N SER B 261 34.43 3.65 -38.16
CA SER B 261 35.50 4.38 -37.45
C SER B 261 35.35 5.89 -37.56
N TRP B 262 36.04 6.62 -36.69
CA TRP B 262 35.96 8.09 -36.68
C TRP B 262 36.70 8.71 -37.86
N GLN B 263 37.79 8.08 -38.29
CA GLN B 263 38.54 8.58 -39.45
C GLN B 263 37.73 8.37 -40.72
N ARG B 264 36.87 7.36 -40.72
CA ARG B 264 35.95 7.12 -41.83
C ARG B 264 34.79 8.11 -41.79
N CYS B 265 34.49 8.63 -40.60
CA CYS B 265 33.49 9.68 -40.45
C CYS B 265 34.00 11.03 -40.93
N VAL B 266 35.27 11.31 -40.69
CA VAL B 266 35.87 12.57 -41.13
C VAL B 266 36.02 12.60 -42.65
N SER B 267 36.42 11.47 -43.24
CA SER B 267 36.52 11.33 -44.70
C SER B 267 35.18 11.61 -45.39
N SER B 268 34.11 11.04 -44.85
CA SER B 268 32.78 11.19 -45.42
C SER B 268 32.24 12.61 -45.25
N CYS B 269 32.64 13.29 -44.18
CA CYS B 269 32.29 14.69 -43.99
C CYS B 269 32.97 15.55 -45.03
N GLN B 270 34.29 15.38 -45.15
CA GLN B 270 35.11 16.11 -46.12
C GLN B 270 34.62 15.91 -47.55
N ALA B 271 34.28 14.67 -47.88
CA ALA B 271 33.82 14.31 -49.24
C ALA B 271 32.49 14.94 -49.57
N ALA B 272 31.60 15.02 -48.58
CA ALA B 272 30.29 15.62 -48.75
C ALA B 272 30.39 17.11 -49.06
N LEU B 273 31.31 17.79 -48.35
CA LEU B 273 31.53 19.22 -48.54
C LEU B 273 32.22 19.51 -49.87
N ARG B 274 33.04 18.56 -50.33
CA ARG B 274 33.67 18.64 -51.63
C ARG B 274 32.61 18.59 -52.73
N GLN B 275 31.57 17.80 -52.50
CA GLN B 275 30.44 17.70 -53.42
C GLN B 275 29.44 18.84 -53.22
N GLY B 276 29.80 19.80 -52.37
CA GLY B 276 29.00 21.00 -52.13
C GLY B 276 27.71 20.75 -51.39
N LYS B 277 27.66 19.65 -50.65
CA LYS B 277 26.47 19.26 -49.91
C LYS B 277 26.56 19.63 -48.44
N ARG B 278 25.42 19.62 -47.76
CA ARG B 278 25.39 19.81 -46.31
C ARG B 278 25.33 18.44 -45.62
N VAL B 279 26.00 18.33 -44.49
CA VAL B 279 26.23 17.05 -43.84
C VAL B 279 25.87 17.06 -42.36
N VAL B 280 25.28 15.97 -41.88
CA VAL B 280 25.04 15.79 -40.46
C VAL B 280 26.00 14.78 -39.88
N ILE B 281 26.54 15.10 -38.70
CA ILE B 281 27.40 14.17 -37.98
C ILE B 281 26.58 13.54 -36.86
N ASP B 282 25.94 12.41 -37.18
CA ASP B 282 25.08 11.69 -36.25
C ASP B 282 25.91 10.75 -35.38
N ASN B 283 26.75 11.33 -34.53
CA ASN B 283 27.52 10.59 -33.53
C ASN B 283 27.18 11.14 -32.15
N THR B 284 27.63 10.47 -31.11
CA THR B 284 27.37 10.94 -29.74
C THR B 284 28.04 12.28 -29.47
N ASN B 285 29.25 12.46 -29.98
CA ASN B 285 30.06 13.68 -29.79
C ASN B 285 29.99 14.30 -28.40
N PRO B 286 30.37 13.52 -27.35
CA PRO B 286 30.22 14.05 -26.00
C PRO B 286 31.23 15.14 -25.62
N ASP B 287 32.40 15.13 -26.24
CA ASP B 287 33.50 15.99 -25.81
C ASP B 287 33.96 16.99 -26.85
N VAL B 288 34.63 18.04 -26.37
CA VAL B 288 35.15 19.14 -27.19
C VAL B 288 36.14 18.70 -28.29
N PRO B 289 37.17 17.88 -27.95
CA PRO B 289 38.11 17.46 -28.99
C PRO B 289 37.47 16.60 -30.09
N SER B 290 36.52 15.75 -29.71
CA SER B 290 35.88 14.83 -30.64
C SER B 290 35.03 15.56 -31.66
N ARG B 291 34.32 16.60 -31.21
CA ARG B 291 33.49 17.38 -32.11
C ARG B 291 34.27 18.52 -32.79
N ALA B 292 35.51 18.75 -32.37
CA ALA B 292 36.37 19.77 -32.97
C ALA B 292 36.80 19.37 -34.37
N ARG B 293 36.96 18.07 -34.58
CA ARG B 293 37.43 17.51 -35.84
C ARG B 293 36.46 17.82 -36.99
N TYR B 294 35.17 17.93 -36.66
CA TYR B 294 34.14 18.24 -37.64
C TYR B 294 33.97 19.75 -37.83
N ILE B 295 34.21 20.51 -36.77
CA ILE B 295 34.25 21.97 -36.86
C ILE B 295 35.39 22.39 -37.80
N GLN B 296 36.49 21.64 -37.74
CA GLN B 296 37.64 21.88 -38.63
C GLN B 296 37.31 21.58 -40.09
N CYS B 297 36.52 20.53 -40.33
CA CYS B 297 36.05 20.19 -41.67
C CYS B 297 35.27 21.33 -42.28
N ALA B 298 34.48 22.00 -41.45
CA ALA B 298 33.67 23.14 -41.87
C ALA B 298 34.55 24.32 -42.26
N LYS B 299 35.53 24.63 -41.41
CA LYS B 299 36.44 25.75 -41.65
C LYS B 299 37.26 25.56 -42.94
N ASP B 300 37.69 24.32 -43.18
CA ASP B 300 38.49 23.99 -44.36
C ASP B 300 37.69 24.10 -45.67
N ALA B 301 36.40 23.82 -45.60
CA ALA B 301 35.52 23.93 -46.77
C ALA B 301 34.84 25.30 -46.86
N GLY B 302 35.11 26.15 -45.87
CA GLY B 302 34.59 27.52 -45.85
C GLY B 302 33.08 27.61 -45.61
N VAL B 303 32.54 26.62 -44.90
CA VAL B 303 31.11 26.59 -44.58
C VAL B 303 30.90 26.76 -43.07
N PRO B 304 29.73 27.29 -42.65
CA PRO B 304 29.45 27.39 -41.23
C PRO B 304 29.23 26.03 -40.55
N CYS B 305 29.28 26.01 -39.22
CA CYS B 305 29.06 24.79 -38.46
C CYS B 305 28.06 25.03 -37.33
N ARG B 306 27.08 24.14 -37.21
CA ARG B 306 26.06 24.24 -36.16
C ARG B 306 26.03 23.00 -35.28
N CYS B 307 25.49 23.17 -34.07
CA CYS B 307 25.36 22.07 -33.13
C CYS B 307 23.91 21.78 -32.80
N PHE B 308 23.56 20.50 -32.83
CA PHE B 308 22.24 20.05 -32.39
C PHE B 308 22.43 19.36 -31.05
N ASN B 309 22.10 20.06 -29.98
CA ASN B 309 22.29 19.53 -28.62
C ASN B 309 21.03 18.87 -28.09
N PHE B 310 21.02 17.55 -28.08
CA PHE B 310 19.83 16.78 -27.70
C PHE B 310 19.70 16.67 -26.18
N CYS B 311 18.55 17.11 -25.68
CA CYS B 311 18.35 17.34 -24.24
C CYS B 311 18.10 16.10 -23.40
N ALA B 312 18.07 14.93 -24.00
CA ALA B 312 17.82 13.70 -23.27
C ALA B 312 18.81 13.51 -22.12
N THR B 313 18.27 13.30 -20.92
CA THR B 313 19.09 12.97 -19.76
C THR B 313 19.41 11.47 -19.81
N ILE B 314 20.29 11.02 -18.92
CA ILE B 314 20.68 9.60 -18.92
C ILE B 314 19.49 8.67 -18.66
N GLU B 315 18.60 9.06 -17.74
CA GLU B 315 17.44 8.23 -17.45
C GLU B 315 16.46 8.20 -18.61
N GLN B 316 16.31 9.34 -19.28
CA GLN B 316 15.45 9.45 -20.46
C GLN B 316 15.92 8.57 -21.62
N ALA B 317 17.22 8.54 -21.85
CA ALA B 317 17.80 7.73 -22.92
C ALA B 317 17.81 6.24 -22.59
N ARG B 318 17.95 5.90 -21.31
CA ARG B 318 17.90 4.51 -20.89
C ARG B 318 16.48 3.96 -20.98
N HIS B 319 15.51 4.82 -20.73
CA HIS B 319 14.10 4.47 -20.91
C HIS B 319 13.84 4.20 -22.38
N ASN B 320 14.42 5.05 -23.22
CA ASN B 320 14.29 4.98 -24.67
C ASN B 320 14.89 3.71 -25.27
N ASN B 321 16.00 3.26 -24.71
CA ASN B 321 16.63 2.01 -25.12
C ASN B 321 15.78 0.80 -24.76
N ARG B 322 15.37 0.75 -23.49
CA ARG B 322 14.49 -0.30 -23.00
C ARG B 322 13.20 -0.41 -23.78
N PHE B 323 12.66 0.74 -24.19
CA PHE B 323 11.47 0.79 -25.03
C PHE B 323 11.72 0.18 -26.41
N ARG B 324 12.87 0.50 -27.00
CA ARG B 324 13.25 -0.04 -28.31
C ARG B 324 13.57 -1.52 -28.21
N GLU B 325 14.01 -1.94 -27.04
CA GLU B 325 14.34 -3.33 -26.78
C GLU B 325 13.07 -4.18 -26.72
N MSE B 326 11.96 -3.55 -26.36
CA MSE B 326 10.67 -4.25 -26.26
C MSE B 326 9.89 -4.22 -27.57
O MSE B 326 9.07 -5.09 -27.82
CB MSE B 326 9.82 -3.67 -25.13
CG MSE B 326 10.41 -3.87 -23.73
SE MSE B 326 9.29 -3.18 -22.27
CE MSE B 326 9.14 -1.30 -22.81
N THR B 327 10.14 -3.20 -28.40
CA THR B 327 9.29 -2.94 -29.57
C THR B 327 9.98 -3.16 -30.93
N ASP B 328 11.30 -3.04 -30.96
CA ASP B 328 12.06 -3.21 -32.20
C ASP B 328 12.94 -4.46 -32.15
N PRO B 329 12.66 -5.44 -33.03
CA PRO B 329 13.40 -6.71 -33.05
C PRO B 329 14.85 -6.54 -33.51
N SER B 330 15.09 -5.56 -34.37
CA SER B 330 16.41 -5.32 -34.95
C SER B 330 17.24 -4.28 -34.18
N HIS B 331 16.78 -3.92 -32.98
CA HIS B 331 17.47 -2.95 -32.13
C HIS B 331 18.68 -3.57 -31.44
N ALA B 332 19.83 -2.93 -31.61
CA ALA B 332 21.06 -3.36 -30.93
C ALA B 332 21.06 -2.79 -29.51
N PRO B 333 21.20 -3.67 -28.50
CA PRO B 333 21.10 -3.26 -27.10
C PRO B 333 22.31 -2.44 -26.67
N VAL B 334 22.05 -1.26 -26.14
CA VAL B 334 23.09 -0.39 -25.62
C VAL B 334 23.36 -0.76 -24.17
N SER B 335 24.63 -1.03 -23.85
CA SER B 335 25.01 -1.41 -22.49
C SER B 335 25.11 -0.19 -21.61
N ASP B 336 25.11 -0.42 -20.29
CA ASP B 336 25.24 0.67 -19.33
C ASP B 336 26.67 1.18 -19.25
N MSE B 337 27.61 0.37 -19.75
CA MSE B 337 29.00 0.77 -19.83
C MSE B 337 29.19 1.98 -20.76
O MSE B 337 29.87 2.93 -20.42
CB MSE B 337 29.88 -0.40 -20.31
CG MSE B 337 31.37 -0.14 -20.18
SE MSE B 337 31.93 -0.01 -18.30
CE MSE B 337 32.23 -1.93 -17.94
N VAL B 338 28.54 1.90 -21.92
CA VAL B 338 28.60 2.97 -22.93
C VAL B 338 27.89 4.23 -22.43
N MSE B 339 26.78 4.04 -21.73
CA MSE B 339 25.99 5.13 -21.17
C MSE B 339 26.76 5.93 -20.12
O MSE B 339 26.71 7.16 -20.11
CB MSE B 339 24.70 4.58 -20.54
CG MSE B 339 23.76 3.93 -21.54
SE MSE B 339 23.13 5.17 -22.90
CE MSE B 339 22.07 6.32 -21.79
N PHE B 340 27.47 5.21 -19.26
CA PHE B 340 28.25 5.82 -18.18
C PHE B 340 29.50 6.50 -18.73
N SER B 341 30.09 5.91 -19.76
CA SER B 341 31.27 6.45 -20.42
C SER B 341 31.00 7.78 -21.11
N TYR B 342 29.81 7.91 -21.71
CA TYR B 342 29.40 9.16 -22.34
C TYR B 342 29.29 10.24 -21.28
N ARG B 343 28.63 9.91 -20.17
CA ARG B 343 28.41 10.84 -19.06
C ARG B 343 29.72 11.37 -18.48
N LYS B 344 30.70 10.48 -18.34
CA LYS B 344 32.02 10.84 -17.86
C LYS B 344 32.76 11.78 -18.83
N GLN B 345 32.59 11.53 -20.13
CA GLN B 345 33.26 12.30 -21.17
C GLN B 345 32.58 13.62 -21.48
N PHE B 346 31.30 13.73 -21.12
CA PHE B 346 30.43 14.83 -21.57
C PHE B 346 30.91 16.23 -21.23
N GLU B 347 31.01 17.06 -22.26
CA GLU B 347 31.30 18.49 -22.11
C GLU B 347 30.18 19.25 -22.80
N PRO B 348 29.62 20.27 -22.14
CA PRO B 348 28.58 21.11 -22.74
C PRO B 348 29.08 21.86 -23.97
N PRO B 349 28.34 21.77 -25.09
CA PRO B 349 28.67 22.51 -26.32
C PRO B 349 28.57 24.03 -26.11
N THR B 350 29.64 24.75 -26.47
CA THR B 350 29.66 26.20 -26.38
C THR B 350 30.00 26.83 -27.73
N LEU B 351 29.73 28.13 -27.87
CA LEU B 351 30.01 28.87 -29.10
C LEU B 351 31.50 29.13 -29.28
N ALA B 352 32.26 29.05 -28.18
CA ALA B 352 33.71 29.24 -28.18
C ALA B 352 34.45 28.14 -28.94
N GLU B 353 33.80 27.00 -29.12
CA GLU B 353 34.36 25.89 -29.92
C GLU B 353 34.39 26.22 -31.41
N GLY B 354 33.53 27.15 -31.83
CA GLY B 354 33.52 27.59 -33.21
C GLY B 354 32.24 27.28 -33.95
N PHE B 355 31.13 27.20 -33.20
CA PHE B 355 29.80 27.02 -33.78
C PHE B 355 29.17 28.36 -34.13
N LEU B 356 28.38 28.39 -35.19
CA LEU B 356 27.59 29.57 -35.53
C LEU B 356 26.44 29.72 -34.54
N GLU B 357 25.57 28.71 -34.48
CA GLU B 357 24.53 28.67 -33.45
C GLU B 357 24.37 27.26 -32.88
N ILE B 358 23.80 27.18 -31.68
CA ILE B 358 23.53 25.91 -31.03
C ILE B 358 22.03 25.76 -30.80
N LEU B 359 21.47 24.68 -31.34
CA LEU B 359 20.06 24.38 -31.15
C LEU B 359 19.89 23.32 -30.07
N GLU B 360 18.90 23.51 -29.22
CA GLU B 360 18.53 22.49 -28.23
C GLU B 360 17.31 21.72 -28.71
N ILE B 361 17.42 20.40 -28.75
CA ILE B 361 16.28 19.56 -29.12
C ILE B 361 15.74 18.89 -27.88
N PRO B 362 14.55 19.33 -27.44
CA PRO B 362 13.90 18.74 -26.27
C PRO B 362 13.56 17.28 -26.50
N PHE B 363 13.60 16.49 -25.43
CA PHE B 363 13.21 15.10 -25.50
C PHE B 363 11.71 15.01 -25.65
N ARG B 364 11.26 14.93 -26.89
CA ARG B 364 9.85 14.82 -27.19
C ARG B 364 9.48 13.38 -27.48
N LEU B 365 8.18 13.09 -27.42
CA LEU B 365 7.67 11.77 -27.75
C LEU B 365 7.95 11.46 -29.21
N GLN B 366 8.42 10.25 -29.47
CA GLN B 366 8.69 9.77 -30.82
C GLN B 366 7.44 9.95 -31.70
N GLU B 367 7.64 10.55 -32.87
CA GLU B 367 6.55 10.77 -33.82
C GLU B 367 6.00 9.46 -34.38
N HIS B 368 4.74 9.53 -34.84
CA HIS B 368 4.03 8.45 -35.54
C HIS B 368 3.89 7.15 -34.72
N LEU B 369 3.65 7.30 -33.42
CA LEU B 369 3.44 6.12 -32.58
C LEU B 369 1.96 5.79 -32.46
N ASP B 370 1.65 4.51 -32.67
CA ASP B 370 0.29 3.99 -32.49
C ASP B 370 -0.12 4.06 -31.02
N PRO B 371 -1.41 4.39 -30.74
CA PRO B 371 -1.96 4.51 -29.39
C PRO B 371 -1.47 3.48 -28.37
N ALA B 372 -1.40 2.21 -28.76
CA ALA B 372 -0.95 1.14 -27.87
C ALA B 372 0.52 1.26 -27.48
N LEU B 373 1.34 1.74 -28.42
CA LEU B 373 2.76 1.95 -28.17
C LEU B 373 3.03 3.17 -27.30
N GLN B 374 2.15 4.17 -27.41
CA GLN B 374 2.25 5.36 -26.57
C GLN B 374 1.97 5.03 -25.12
N ARG B 375 1.01 4.14 -24.91
CA ARG B 375 0.66 3.67 -23.56
C ARG B 375 1.76 2.82 -22.94
N LEU B 376 2.53 2.12 -23.77
CA LEU B 376 3.70 1.38 -23.30
C LEU B 376 4.84 2.35 -22.96
N TYR B 377 4.95 3.43 -23.73
CA TYR B 377 6.01 4.41 -23.53
C TYR B 377 5.85 5.17 -22.21
N ARG B 378 4.60 5.38 -21.79
CA ARG B 378 4.31 6.13 -20.57
C ARG B 378 4.56 5.33 -19.30
N GLN B 379 4.83 4.03 -19.45
CA GLN B 379 5.10 3.18 -18.31
C GLN B 379 6.56 3.26 -17.86
N PHE B 380 6.75 3.31 -16.54
CA PHE B 380 8.07 3.13 -15.94
C PHE B 380 8.53 1.73 -16.33
N SER B 381 9.72 1.63 -16.90
CA SER B 381 10.21 0.33 -17.35
C SER B 381 11.42 -0.18 -16.56
N GLU B 382 11.76 0.52 -15.49
CA GLU B 382 12.86 0.10 -14.63
C GLU B 382 12.60 0.45 -13.18
N GLY B 383 12.83 -0.51 -12.29
CA GLY B 383 12.61 -0.32 -10.87
C GLY B 383 13.71 0.48 -10.20
N SER C 6 -0.55 -19.80 19.09
CA SER C 6 -0.09 -19.90 17.69
C SER C 6 1.19 -19.09 17.44
N ARG C 7 1.29 -17.94 18.10
CA ARG C 7 2.43 -17.03 17.92
C ARG C 7 3.28 -16.86 19.18
N GLY C 8 4.51 -16.39 19.00
CA GLY C 8 5.43 -16.13 20.10
C GLY C 8 6.74 -15.53 19.64
N ARG C 9 7.76 -15.59 20.49
CA ARG C 9 9.09 -15.05 20.14
C ARG C 9 10.26 -15.77 20.83
N LEU C 10 11.40 -15.83 20.14
CA LEU C 10 12.62 -16.47 20.65
C LEU C 10 13.39 -15.55 21.59
N TRP C 11 14.13 -16.15 22.53
CA TRP C 11 15.01 -15.40 23.44
C TRP C 11 16.16 -16.27 23.98
N LEU C 12 17.06 -15.64 24.73
CA LEU C 12 18.20 -16.34 25.31
C LEU C 12 18.22 -16.27 26.83
N GLN C 13 18.47 -17.41 27.48
CA GLN C 13 18.41 -17.52 28.93
C GLN C 13 19.79 -17.74 29.55
N SER C 14 20.04 -16.99 30.63
CA SER C 14 21.30 -17.06 31.36
C SER C 14 21.13 -17.93 32.61
N PRO C 15 22.25 -18.40 33.21
CA PRO C 15 22.18 -19.10 34.50
C PRO C 15 21.67 -18.21 35.63
N THR C 16 21.25 -18.84 36.72
CA THR C 16 20.63 -18.16 37.87
C THR C 16 21.52 -17.07 38.46
N GLY C 17 21.01 -15.84 38.46
CA GLY C 17 21.74 -14.69 38.97
C GLY C 17 22.50 -13.95 37.88
N GLY C 18 22.12 -14.18 36.63
CA GLY C 18 22.76 -13.54 35.48
C GLY C 18 21.91 -12.46 34.85
N PRO C 19 22.25 -12.06 33.61
CA PRO C 19 21.52 -11.05 32.84
C PRO C 19 20.07 -11.45 32.56
N PRO C 20 19.15 -10.47 32.59
CA PRO C 20 17.74 -10.63 32.25
C PRO C 20 17.57 -11.11 30.78
N PRO C 21 16.41 -11.72 30.47
CA PRO C 21 16.12 -12.25 29.12
C PRO C 21 16.60 -11.35 27.98
N ILE C 22 17.46 -11.90 27.13
CA ILE C 22 17.93 -11.20 25.93
C ILE C 22 17.05 -11.63 24.75
N PHE C 23 16.24 -10.71 24.26
CA PHE C 23 15.30 -11.00 23.18
C PHE C 23 15.95 -10.83 21.80
N LEU C 24 15.55 -11.71 20.88
CA LEU C 24 16.06 -11.70 19.51
C LEU C 24 15.09 -10.95 18.60
N PRO C 25 15.62 -10.24 17.58
CA PRO C 25 14.76 -9.60 16.58
C PRO C 25 13.97 -10.65 15.80
N SER C 26 12.64 -10.56 15.90
CA SER C 26 11.75 -11.57 15.33
C SER C 26 11.56 -11.40 13.81
N ASP C 27 11.84 -10.19 13.32
CA ASP C 27 11.71 -9.88 11.89
C ASP C 27 12.87 -10.46 11.07
N GLY C 28 13.76 -11.20 11.74
CA GLY C 28 14.90 -11.82 11.10
C GLY C 28 16.00 -10.81 10.85
N GLN C 29 16.56 -10.28 11.94
CA GLN C 29 17.59 -9.25 11.86
C GLN C 29 18.80 -9.62 12.71
N ALA C 30 19.97 -9.11 12.32
CA ALA C 30 21.23 -9.43 12.99
C ALA C 30 21.33 -8.88 14.41
N LEU C 31 21.74 -9.75 15.34
CA LEU C 31 22.03 -9.34 16.71
C LEU C 31 23.44 -9.80 17.11
N VAL C 32 24.30 -8.84 17.42
CA VAL C 32 25.68 -9.11 17.78
C VAL C 32 25.86 -9.18 19.29
N LEU C 33 26.45 -10.27 19.78
CA LEU C 33 26.72 -10.42 21.21
C LEU C 33 28.21 -10.63 21.48
N GLY C 34 28.64 -10.27 22.69
CA GLY C 34 30.03 -10.40 23.11
C GLY C 34 30.24 -9.88 24.52
N ARG C 35 31.42 -9.37 24.80
CA ARG C 35 31.68 -8.73 26.09
C ARG C 35 31.00 -7.36 26.14
N GLY C 36 30.52 -6.99 27.32
CA GLY C 36 29.81 -5.73 27.50
C GLY C 36 28.65 -5.86 28.49
N PRO C 37 27.93 -4.74 28.74
CA PRO C 37 26.87 -4.68 29.74
C PRO C 37 25.61 -5.50 29.41
N LEU C 38 25.47 -5.92 28.16
CA LEU C 38 24.31 -6.72 27.75
C LEU C 38 24.37 -8.15 28.27
N THR C 39 25.43 -8.86 27.91
CA THR C 39 25.60 -10.26 28.32
C THR C 39 26.39 -10.40 29.62
N GLN C 40 26.86 -9.26 30.15
CA GLN C 40 27.65 -9.19 31.39
C GLN C 40 28.91 -10.07 31.37
N VAL C 41 29.69 -9.97 30.29
CA VAL C 41 30.94 -10.72 30.17
C VAL C 41 32.14 -9.80 30.40
N THR C 42 32.95 -10.14 31.40
CA THR C 42 34.13 -9.34 31.75
C THR C 42 35.41 -9.97 31.18
N ASP C 43 35.25 -11.13 30.55
CA ASP C 43 36.39 -11.89 30.02
C ASP C 43 37.08 -11.18 28.85
N ARG C 44 38.40 -11.12 28.91
CA ARG C 44 39.22 -10.47 27.88
C ARG C 44 39.34 -11.37 26.65
N LYS C 45 39.24 -12.69 26.88
CA LYS C 45 39.31 -13.69 25.80
C LYS C 45 38.06 -13.68 24.92
N CYS C 46 37.00 -13.06 25.43
CA CYS C 46 35.78 -12.85 24.66
C CYS C 46 35.88 -11.53 23.91
N SER C 47 35.61 -11.56 22.61
CA SER C 47 35.62 -10.34 21.79
C SER C 47 34.29 -9.60 21.94
N ARG C 48 34.29 -8.31 21.63
CA ARG C 48 33.07 -7.49 21.65
C ARG C 48 32.09 -7.95 20.56
N ASN C 49 32.63 -8.29 19.40
CA ASN C 49 31.86 -8.88 18.31
C ASN C 49 32.18 -10.37 18.15
N GLN C 50 31.64 -11.19 19.05
CA GLN C 50 31.88 -12.63 19.00
C GLN C 50 30.95 -13.35 18.04
N VAL C 51 29.65 -13.25 18.30
CA VAL C 51 28.66 -13.99 17.52
C VAL C 51 27.64 -13.09 16.84
N GLU C 52 27.30 -13.44 15.60
CA GLU C 52 26.22 -12.79 14.87
C GLU C 52 25.03 -13.74 14.83
N LEU C 53 23.92 -13.30 15.40
CA LEU C 53 22.72 -14.11 15.46
C LEU C 53 21.65 -13.64 14.48
N ILE C 54 21.01 -14.61 13.82
CA ILE C 54 19.87 -14.34 12.95
C ILE C 54 18.73 -15.28 13.31
N ALA C 55 17.59 -14.71 13.70
CA ALA C 55 16.48 -15.47 14.27
C ALA C 55 15.43 -15.87 13.24
N ASP C 56 14.86 -17.06 13.43
CA ASP C 56 13.76 -17.56 12.61
C ASP C 56 12.72 -18.23 13.52
N PRO C 57 11.62 -17.52 13.83
CA PRO C 57 10.56 -18.06 14.69
C PRO C 57 9.57 -18.98 13.96
N GLU C 58 9.68 -19.08 12.63
CA GLU C 58 8.80 -19.96 11.85
C GLU C 58 9.23 -21.43 11.93
N SER C 59 10.43 -21.67 12.45
CA SER C 59 10.93 -23.02 12.66
C SER C 59 11.59 -23.13 14.03
N ARG C 60 11.69 -21.99 14.70
CA ARG C 60 12.23 -21.85 16.06
C ARG C 60 13.72 -22.22 16.17
N THR C 61 14.51 -21.75 15.21
CA THR C 61 15.97 -21.94 15.20
C THR C 61 16.69 -20.61 14.99
N VAL C 62 17.94 -20.53 15.45
CA VAL C 62 18.76 -19.32 15.29
C VAL C 62 20.14 -19.66 14.74
N ALA C 63 20.46 -19.14 13.56
CA ALA C 63 21.76 -19.34 12.95
C ALA C 63 22.83 -18.45 13.57
N VAL C 64 23.99 -19.03 13.86
CA VAL C 64 25.07 -18.36 14.58
C VAL C 64 26.35 -18.34 13.75
N LYS C 65 26.93 -17.15 13.59
CA LYS C 65 28.20 -17.01 12.88
C LYS C 65 29.26 -16.43 13.81
N GLN C 66 30.39 -17.12 13.93
CA GLN C 66 31.51 -16.63 14.73
C GLN C 66 32.27 -15.53 14.00
N LEU C 67 32.48 -14.42 14.69
CA LEU C 67 33.22 -13.28 14.14
C LEU C 67 34.55 -13.07 14.88
N GLY C 68 34.58 -13.50 16.14
CA GLY C 68 35.75 -13.34 16.99
C GLY C 68 36.88 -14.30 16.67
N VAL C 69 38.05 -14.02 17.25
CA VAL C 69 39.25 -14.82 17.02
C VAL C 69 39.23 -16.11 17.83
N ASN C 70 38.77 -16.02 19.08
CA ASN C 70 38.65 -17.19 19.95
C ASN C 70 37.39 -18.01 19.65
N PRO C 71 37.53 -19.36 19.61
CA PRO C 71 36.45 -20.28 19.25
C PRO C 71 35.19 -20.18 20.12
N SER C 72 34.03 -20.22 19.48
CA SER C 72 32.74 -20.16 20.15
C SER C 72 31.97 -21.44 19.83
N THR C 73 31.32 -22.02 20.83
CA THR C 73 30.64 -23.30 20.67
C THR C 73 29.12 -23.19 20.59
N VAL C 74 28.56 -23.66 19.48
CA VAL C 74 27.12 -23.61 19.22
C VAL C 74 26.51 -24.99 19.48
N GLY C 75 26.01 -25.19 20.69
CA GLY C 75 25.41 -26.46 21.11
C GLY C 75 26.42 -27.58 21.23
N VAL C 76 26.73 -28.21 20.10
CA VAL C 76 27.65 -29.34 20.05
C VAL C 76 28.90 -29.02 19.23
N HIS C 77 28.71 -28.33 18.11
CA HIS C 77 29.79 -28.04 17.17
C HIS C 77 30.53 -26.77 17.56
N GLU C 78 31.84 -26.90 17.80
CA GLU C 78 32.69 -25.74 18.04
C GLU C 78 33.05 -25.13 16.68
N LEU C 79 32.92 -23.81 16.60
CA LEU C 79 33.07 -23.11 15.31
C LEU C 79 34.47 -22.54 15.07
N LYS C 80 34.76 -22.30 13.80
CA LYS C 80 35.96 -21.60 13.38
C LYS C 80 35.61 -20.13 13.15
N PRO C 81 36.59 -19.22 13.25
CA PRO C 81 36.34 -17.79 12.97
C PRO C 81 35.90 -17.55 11.52
N GLY C 82 34.59 -17.58 11.30
CA GLY C 82 34.01 -17.46 9.96
C GLY C 82 32.99 -18.54 9.66
N LEU C 83 33.19 -19.72 10.28
CA LEU C 83 32.27 -20.84 10.12
C LEU C 83 30.96 -20.63 10.89
N SER C 84 29.95 -21.43 10.58
CA SER C 84 28.61 -21.20 11.11
C SER C 84 27.80 -22.45 11.45
N GLY C 85 27.12 -22.40 12.59
CA GLY C 85 26.20 -23.46 13.03
C GLY C 85 24.91 -22.86 13.58
N SER C 86 23.93 -23.70 13.90
CA SER C 86 22.62 -23.21 14.35
C SER C 86 22.13 -23.79 15.68
N LEU C 87 21.39 -22.98 16.43
CA LEU C 87 20.78 -23.41 17.69
C LEU C 87 19.31 -23.78 17.50
N SER C 88 18.93 -24.98 17.93
CA SER C 88 17.52 -25.33 18.01
C SER C 88 17.03 -25.08 19.44
N LEU C 89 15.79 -25.45 19.73
CA LEU C 89 15.23 -25.22 21.07
C LEU C 89 15.85 -26.13 22.11
N GLY C 90 16.38 -25.52 23.18
CA GLY C 90 17.03 -26.26 24.25
C GLY C 90 18.54 -26.29 24.11
N ASP C 91 19.04 -25.84 22.96
CA ASP C 91 20.48 -25.77 22.70
C ASP C 91 21.13 -24.66 23.51
N VAL C 92 22.40 -24.86 23.85
CA VAL C 92 23.14 -23.91 24.67
C VAL C 92 24.29 -23.30 23.86
N LEU C 93 24.28 -21.97 23.76
CA LEU C 93 25.36 -21.24 23.10
C LEU C 93 26.45 -20.88 24.09
N TYR C 94 27.68 -21.26 23.76
CA TYR C 94 28.84 -20.92 24.58
C TYR C 94 29.68 -19.87 23.88
N LEU C 95 29.74 -18.69 24.50
CA LEU C 95 30.36 -17.50 23.89
C LEU C 95 31.87 -17.63 23.66
N VAL C 96 32.59 -18.16 24.65
CA VAL C 96 34.02 -18.35 24.52
C VAL C 96 34.36 -19.85 24.58
N ASN C 97 35.28 -20.21 25.46
CA ASN C 97 35.83 -21.56 25.53
C ASN C 97 35.03 -22.45 26.47
N GLY C 98 33.78 -22.72 26.10
CA GLY C 98 32.88 -23.55 26.91
C GLY C 98 32.39 -22.86 28.16
N LEU C 99 32.45 -21.53 28.17
CA LEU C 99 32.02 -20.73 29.31
C LEU C 99 30.99 -19.69 28.89
N TYR C 100 30.30 -19.13 29.88
CA TYR C 100 29.25 -18.11 29.69
C TYR C 100 28.13 -18.58 28.76
N PRO C 101 27.17 -19.35 29.31
CA PRO C 101 26.14 -20.02 28.53
C PRO C 101 24.93 -19.15 28.20
N LEU C 102 24.31 -19.44 27.06
CA LEU C 102 23.04 -18.85 26.67
C LEU C 102 22.14 -19.93 26.06
N THR C 103 21.01 -20.19 26.70
CA THR C 103 20.09 -21.23 26.25
C THR C 103 18.94 -20.65 25.44
N LEU C 104 18.69 -21.23 24.26
CA LEU C 104 17.62 -20.76 23.38
C LEU C 104 16.25 -21.23 23.86
N ARG C 105 15.36 -20.27 24.10
CA ARG C 105 14.02 -20.55 24.62
C ARG C 105 12.93 -20.06 23.67
N TRP C 106 11.68 -20.20 24.10
CA TRP C 106 10.52 -19.78 23.31
C TRP C 106 9.38 -19.32 24.20
N GLU C 107 9.05 -18.03 24.14
CA GLU C 107 7.99 -17.46 24.97
C GLU C 107 6.67 -17.41 24.19
N GLU C 108 5.66 -18.09 24.74
CA GLU C 108 4.33 -18.13 24.14
C GLU C 108 3.55 -16.84 24.40
N LEU C 109 3.07 -16.21 23.33
CA LEU C 109 2.34 -14.95 23.44
C LEU C 109 0.83 -15.10 23.23
N SER C 110 0.46 -16.09 22.42
CA SER C 110 -0.94 -16.45 22.13
C SER C 110 -1.81 -15.26 21.69
S SO4 D . -10.51 10.93 0.84
O1 SO4 D . -11.44 9.85 1.12
O2 SO4 D . -11.19 12.21 1.05
O3 SO4 D . -10.04 10.83 -0.54
O4 SO4 D . -9.37 10.84 1.75
S SO4 E . 4.60 16.79 2.42
O1 SO4 E . 3.34 17.12 1.75
O2 SO4 E . 5.07 17.94 3.17
O3 SO4 E . 5.61 16.39 1.44
O4 SO4 E . 4.36 15.68 3.34
S SO4 F . -15.60 -2.82 22.30
O1 SO4 F . -16.74 -3.29 21.52
O2 SO4 F . -14.73 -2.07 21.40
O3 SO4 F . -14.88 -3.98 22.84
O4 SO4 F . -16.06 -1.97 23.40
S SO4 G . -19.07 12.97 -1.10
O1 SO4 G . -20.26 12.55 -0.35
O2 SO4 G . -18.47 14.14 -0.45
O3 SO4 G . -19.46 13.32 -2.47
O4 SO4 G . -18.09 11.88 -1.15
S SO4 H . 4.13 9.46 2.17
O1 SO4 H . 3.03 9.06 1.28
O2 SO4 H . 3.67 10.49 3.09
O3 SO4 H . 5.23 9.98 1.37
O4 SO4 H . 4.59 8.30 2.94
S SO4 I . -37.79 -17.68 26.91
O1 SO4 I . -37.62 -19.03 27.41
O2 SO4 I . -37.55 -16.71 27.97
O3 SO4 I . -39.15 -17.52 26.41
O4 SO4 I . -36.85 -17.47 25.81
S SO4 J . -21.13 7.49 14.36
O1 SO4 J . -21.28 6.60 13.20
O2 SO4 J . -19.76 7.99 14.41
O3 SO4 J . -21.41 6.74 15.58
O4 SO4 J . -22.04 8.62 14.25
S SO4 K . 20.27 7.66 -30.74
O1 SO4 K . 21.45 7.05 -30.12
O2 SO4 K . 20.16 9.06 -30.34
O3 SO4 K . 19.06 6.96 -30.30
O4 SO4 K . 20.39 7.56 -32.19
S SO4 L . 35.85 5.69 -32.56
O1 SO4 L . 34.43 5.85 -32.28
O2 SO4 L . 36.57 6.85 -32.03
O3 SO4 L . 36.06 5.59 -34.00
O4 SO4 L . 36.34 4.47 -31.91
S SO4 M . -9.24 -17.60 -5.58
O1 SO4 M . -8.87 -18.95 -5.16
O2 SO4 M . -8.81 -16.65 -4.55
O3 SO4 M . -10.69 -17.51 -5.74
O4 SO4 M . -8.58 -17.28 -6.83
S SO4 N . 12.00 4.41 -15.90
O1 SO4 N . 13.17 3.70 -16.39
O2 SO4 N . 12.42 5.69 -15.29
O3 SO4 N . 11.34 3.59 -14.88
O4 SO4 N . 11.09 4.65 -17.02
S SO4 O . 14.05 13.63 -29.59
O1 SO4 O . 15.14 13.88 -28.66
O2 SO4 O . 12.84 14.30 -29.12
O3 SO4 O . 13.80 12.20 -29.70
O4 SO4 O . 14.41 14.15 -30.91
#